data_1ZF8
# 
_entry.id   1ZF8 
# 
_audit_conform.dict_name       mmcif_pdbx.dic 
_audit_conform.dict_version    5.389 
_audit_conform.dict_location   http://mmcif.pdb.org/dictionaries/ascii/mmcif_pdbx.dic 
# 
loop_
_database_2.database_id 
_database_2.database_code 
_database_2.pdbx_database_accession 
_database_2.pdbx_DOI 
PDB   1ZF8         pdb_00001zf8 10.2210/pdb1zf8/pdb 
NDB   AD0050       ?            ?                   
RCSB  RCSB032651   ?            ?                   
WWPDB D_1000032651 ?            ?                   
# 
loop_
_pdbx_audit_revision_history.ordinal 
_pdbx_audit_revision_history.data_content_type 
_pdbx_audit_revision_history.major_revision 
_pdbx_audit_revision_history.minor_revision 
_pdbx_audit_revision_history.revision_date 
1 'Structure model' 1 0 2005-05-10 
2 'Structure model' 1 1 2008-04-30 
3 'Structure model' 1 2 2011-07-13 
4 'Structure model' 1 3 2017-10-11 
5 'Structure model' 1 4 2024-02-14 
6 'Structure model' 1 5 2024-04-03 
# 
_pdbx_audit_revision_details.ordinal             1 
_pdbx_audit_revision_details.revision_ordinal    1 
_pdbx_audit_revision_details.data_content_type   'Structure model' 
_pdbx_audit_revision_details.provider            repository 
_pdbx_audit_revision_details.type                'Initial release' 
_pdbx_audit_revision_details.description         ? 
_pdbx_audit_revision_details.details             ? 
# 
loop_
_pdbx_audit_revision_group.ordinal 
_pdbx_audit_revision_group.revision_ordinal 
_pdbx_audit_revision_group.data_content_type 
_pdbx_audit_revision_group.group 
1 2 'Structure model' 'Version format compliance' 
2 3 'Structure model' 'Version format compliance' 
3 4 'Structure model' 'Refinement description'    
4 5 'Structure model' 'Data collection'           
5 5 'Structure model' 'Database references'       
6 5 'Structure model' 'Derived calculations'      
7 6 'Structure model' 'Refinement description'    
# 
loop_
_pdbx_audit_revision_category.ordinal 
_pdbx_audit_revision_category.revision_ordinal 
_pdbx_audit_revision_category.data_content_type 
_pdbx_audit_revision_category.category 
1 4 'Structure model' software                      
2 5 'Structure model' chem_comp_atom                
3 5 'Structure model' chem_comp_bond                
4 5 'Structure model' database_2                    
5 5 'Structure model' pdbx_struct_conn_angle        
6 5 'Structure model' struct_conn                   
7 5 'Structure model' struct_site                   
8 6 'Structure model' pdbx_initial_refinement_model 
# 
loop_
_pdbx_audit_revision_item.ordinal 
_pdbx_audit_revision_item.revision_ordinal 
_pdbx_audit_revision_item.data_content_type 
_pdbx_audit_revision_item.item 
1  5 'Structure model' '_database_2.pdbx_DOI'                      
2  5 'Structure model' '_database_2.pdbx_database_accession'       
3  5 'Structure model' '_pdbx_struct_conn_angle.ptnr1_auth_seq_id' 
4  5 'Structure model' '_pdbx_struct_conn_angle.ptnr3_auth_seq_id' 
5  5 'Structure model' '_pdbx_struct_conn_angle.value'             
6  5 'Structure model' '_struct_conn.pdbx_dist_value'              
7  5 'Structure model' '_struct_conn.ptnr2_auth_seq_id'            
8  5 'Structure model' '_struct_site.pdbx_auth_asym_id'            
9  5 'Structure model' '_struct_site.pdbx_auth_comp_id'            
10 5 'Structure model' '_struct_site.pdbx_auth_seq_id'             
# 
_pdbx_database_status.entry_id                        1ZF8 
_pdbx_database_status.deposit_site                    RCSB 
_pdbx_database_status.process_site                    RCSB 
_pdbx_database_status.recvd_initial_deposition_date   2005-04-20 
_pdbx_database_status.status_code                     REL 
_pdbx_database_status.status_code_sf                  REL 
_pdbx_database_status.status_code_mr                  ? 
_pdbx_database_status.SG_entry                        ? 
_pdbx_database_status.pdb_format_compatible           Y 
_pdbx_database_status.status_code_cs                  ? 
_pdbx_database_status.methods_development_category    ? 
_pdbx_database_status.status_code_nmr_data            ? 
# 
loop_
_pdbx_database_related.db_name 
_pdbx_database_related.db_id 
_pdbx_database_related.details 
_pdbx_database_related.content_type 
PDB 1P4Y . unspecified 
PDB 1P4Z . unspecified 
PDB 1DCW . unspecified 
PDB 1DCV . unspecified 
PDB 1ZEW . unspecified 
PDB 1ZEX . unspecified 
PDB 1ZEY . unspecified 
PDB 1ZEZ . unspecified 
PDB 1ZF0 . unspecified 
PDB 1ZF1 . unspecified 
PDB 1ZF2 . unspecified 
PDB 1ZF3 . unspecified 
PDB 1ZF4 . unspecified 
PDB 1ZF5 . unspecified 
PDB 1ZF6 . unspecified 
PDB 1ZF7 . unspecified 
PDB 1ZF9 . unspecified 
PDB 1ZFA . unspecified 
PDB 1ZFB . unspecified 
PDB 1ZFC . unspecified 
PDB 1ZFE . unspecified 
PDB 1ZFF . unspecified 
PDB 1ZFG . unspecified 
PDB 1ZFH . unspecified 
PDB 1ZFM . unspecified 
# 
loop_
_audit_author.name 
_audit_author.pdbx_ordinal 
'Hays, F.A.'      1 
'Teegarden, A.T.' 2 
'Jones, Z.J.R.'   3 
'Harms, M.'       4 
'Raup, D.'        5 
'Watson, J.'      6 
'Cavaliere, E.'   7 
'Ho, P.S.'        8 
# 
_citation.id                        primary 
_citation.title                     'How sequence defines structure: a crystallographic map of DNA structure and conformation.' 
_citation.journal_abbrev            Proc.Natl.Acad.Sci.Usa 
_citation.journal_volume            102 
_citation.page_first                7157 
_citation.page_last                 7162 
_citation.year                      2005 
_citation.journal_id_ASTM           PNASA6 
_citation.country                   US 
_citation.journal_id_ISSN           0027-8424 
_citation.journal_id_CSD            0040 
_citation.book_publisher            ? 
_citation.pdbx_database_id_PubMed   15870206 
_citation.pdbx_database_id_DOI      10.1073/pnas.0409455102 
# 
loop_
_citation_author.citation_id 
_citation_author.name 
_citation_author.ordinal 
_citation_author.identifier_ORCID 
primary 'Hays, F.A.'    1 ? 
primary 'Teegarden, A.' 2 ? 
primary 'Jones, Z.J.'   3 ? 
primary 'Harms, M.'     4 ? 
primary 'Raup, D.'      5 ? 
primary 'Watson, J.'    6 ? 
primary 'Cavaliere, E.' 7 ? 
primary 'Ho, P.S.'      8 ? 
# 
loop_
_entity.id 
_entity.type 
_entity.src_method 
_entity.pdbx_description 
_entity.formula_weight 
_entity.pdbx_number_of_molecules 
_entity.pdbx_ec 
_entity.pdbx_mutation 
_entity.pdbx_fragment 
_entity.details 
1 polymer     syn "5'-D(*CP*CP*AP*CP*CP*GP*GP*TP*GP*G)-3'" 3045.992 2   ? ? ? ? 
2 non-polymer syn 'CALCIUM ION'                            40.078   1   ? ? ? ? 
3 water       nat water                                    18.015   140 ? ? ? ? 
# 
_entity_poly.entity_id                      1 
_entity_poly.type                           polydeoxyribonucleotide 
_entity_poly.nstd_linkage                   no 
_entity_poly.nstd_monomer                   no 
_entity_poly.pdbx_seq_one_letter_code       '(DC)(DC)(DA)(DC)(DC)(DG)(DG)(DT)(DG)(DG)' 
_entity_poly.pdbx_seq_one_letter_code_can   CCACCGGTGG 
_entity_poly.pdbx_strand_id                 A,B 
_entity_poly.pdbx_target_identifier         ? 
# 
loop_
_pdbx_entity_nonpoly.entity_id 
_pdbx_entity_nonpoly.name 
_pdbx_entity_nonpoly.comp_id 
2 'CALCIUM ION' CA  
3 water         HOH 
# 
loop_
_entity_poly_seq.entity_id 
_entity_poly_seq.num 
_entity_poly_seq.mon_id 
_entity_poly_seq.hetero 
1 1  DC n 
1 2  DC n 
1 3  DA n 
1 4  DC n 
1 5  DC n 
1 6  DG n 
1 7  DG n 
1 8  DT n 
1 9  DG n 
1 10 DG n 
# 
_pdbx_entity_src_syn.entity_id              1 
_pdbx_entity_src_syn.pdbx_src_id            1 
_pdbx_entity_src_syn.pdbx_alt_source_flag   sample 
_pdbx_entity_src_syn.pdbx_beg_seq_num       ? 
_pdbx_entity_src_syn.pdbx_end_seq_num       ? 
_pdbx_entity_src_syn.organism_scientific    ? 
_pdbx_entity_src_syn.organism_common_name   ? 
_pdbx_entity_src_syn.ncbi_taxonomy_id       ? 
_pdbx_entity_src_syn.details                
;DNA WAS SYNTHESIZED ON AN APPLIED BIOSYSTEMS DNA SYNTHESIZER USING PHOSPHORAMIDITE CHEMISTRY, WITH THE TRITYL-PROTECTING GROUP LEFT INTACT AT THE 5'-TERMINAL NUCLEOTIDE THEN DEPROTECTED BY TREATMENT WITH 3% ACETIC ACID FOR FIFTEEN MINUTES, NEUTRALIZED WITH AMMONIUM HYDROXIDE, AND DESALTED ON A SIGMA G-25 SEPHADEX COLUMN.
;
# 
loop_
_chem_comp.id 
_chem_comp.type 
_chem_comp.mon_nstd_flag 
_chem_comp.name 
_chem_comp.pdbx_synonyms 
_chem_comp.formula 
_chem_comp.formula_weight 
CA  non-polymer   . 'CALCIUM ION'                        ? 'Ca 2'            40.078  
DA  'DNA linking' y "2'-DEOXYADENOSINE-5'-MONOPHOSPHATE" ? 'C10 H14 N5 O6 P' 331.222 
DC  'DNA linking' y "2'-DEOXYCYTIDINE-5'-MONOPHOSPHATE"  ? 'C9 H14 N3 O7 P'  307.197 
DG  'DNA linking' y "2'-DEOXYGUANOSINE-5'-MONOPHOSPHATE" ? 'C10 H14 N5 O7 P' 347.221 
DT  'DNA linking' y "THYMIDINE-5'-MONOPHOSPHATE"         ? 'C10 H15 N2 O8 P' 322.208 
HOH non-polymer   . WATER                                ? 'H2 O'            18.015  
# 
loop_
_pdbx_poly_seq_scheme.asym_id 
_pdbx_poly_seq_scheme.entity_id 
_pdbx_poly_seq_scheme.seq_id 
_pdbx_poly_seq_scheme.mon_id 
_pdbx_poly_seq_scheme.ndb_seq_num 
_pdbx_poly_seq_scheme.pdb_seq_num 
_pdbx_poly_seq_scheme.auth_seq_num 
_pdbx_poly_seq_scheme.pdb_mon_id 
_pdbx_poly_seq_scheme.auth_mon_id 
_pdbx_poly_seq_scheme.pdb_strand_id 
_pdbx_poly_seq_scheme.pdb_ins_code 
_pdbx_poly_seq_scheme.hetero 
A 1 1  DC 1  1  1  DC C A . n 
A 1 2  DC 2  2  2  DC C A . n 
A 1 3  DA 3  3  3  DA A A . n 
A 1 4  DC 4  4  4  DC C A . n 
A 1 5  DC 5  5  5  DC C A . n 
A 1 6  DG 6  6  6  DG G A . n 
A 1 7  DG 7  7  7  DG G A . n 
A 1 8  DT 8  8  8  DT T A . n 
A 1 9  DG 9  9  9  DG G A . n 
A 1 10 DG 10 10 10 DG G A . n 
B 1 1  DC 1  11 11 DC C B . n 
B 1 2  DC 2  12 12 DC C B . n 
B 1 3  DA 3  13 13 DA A B . n 
B 1 4  DC 4  14 14 DC C B . n 
B 1 5  DC 5  15 15 DC C B . n 
B 1 6  DG 6  16 16 DG G B . n 
B 1 7  DG 7  17 17 DG G B . n 
B 1 8  DT 8  18 18 DT T B . n 
B 1 9  DG 9  19 19 DG G B . n 
B 1 10 DG 10 20 20 DG G B . n 
# 
loop_
_pdbx_nonpoly_scheme.asym_id 
_pdbx_nonpoly_scheme.entity_id 
_pdbx_nonpoly_scheme.mon_id 
_pdbx_nonpoly_scheme.ndb_seq_num 
_pdbx_nonpoly_scheme.pdb_seq_num 
_pdbx_nonpoly_scheme.auth_seq_num 
_pdbx_nonpoly_scheme.pdb_mon_id 
_pdbx_nonpoly_scheme.auth_mon_id 
_pdbx_nonpoly_scheme.pdb_strand_id 
_pdbx_nonpoly_scheme.pdb_ins_code 
C 2 CA  1  21  21  CA  CA  B . 
D 3 HOH 1  22  22  HOH HOH A . 
D 3 HOH 2  23  23  HOH HOH A . 
D 3 HOH 3  25  25  HOH HOH A . 
D 3 HOH 4  26  26  HOH HOH A . 
D 3 HOH 5  31  31  HOH HOH A . 
D 3 HOH 6  32  32  HOH HOH A . 
D 3 HOH 7  35  35  HOH HOH A . 
D 3 HOH 8  39  39  HOH HOH A . 
D 3 HOH 9  40  40  HOH HOH A . 
D 3 HOH 10 41  41  HOH HOH A . 
D 3 HOH 11 43  43  HOH HOH A . 
D 3 HOH 12 45  45  HOH HOH A . 
D 3 HOH 13 53  53  HOH HOH A . 
D 3 HOH 14 57  57  HOH HOH A . 
D 3 HOH 15 58  58  HOH HOH A . 
D 3 HOH 16 59  59  HOH HOH A . 
D 3 HOH 17 60  60  HOH HOH A . 
D 3 HOH 18 62  62  HOH HOH A . 
D 3 HOH 19 63  63  HOH HOH A . 
D 3 HOH 20 65  65  HOH HOH A . 
D 3 HOH 21 67  67  HOH HOH A . 
D 3 HOH 22 68  68  HOH HOH A . 
D 3 HOH 23 70  70  HOH HOH A . 
D 3 HOH 24 71  71  HOH HOH A . 
D 3 HOH 25 72  72  HOH HOH A . 
D 3 HOH 26 73  73  HOH HOH A . 
D 3 HOH 27 76  76  HOH HOH A . 
D 3 HOH 28 77  77  HOH HOH A . 
D 3 HOH 29 78  78  HOH HOH A . 
D 3 HOH 30 79  79  HOH HOH A . 
D 3 HOH 31 81  81  HOH HOH A . 
D 3 HOH 32 82  82  HOH HOH A . 
D 3 HOH 33 85  85  HOH HOH A . 
D 3 HOH 34 86  86  HOH HOH A . 
D 3 HOH 35 87  87  HOH HOH A . 
D 3 HOH 36 88  88  HOH HOH A . 
D 3 HOH 37 91  91  HOH HOH A . 
D 3 HOH 38 92  92  HOH HOH A . 
D 3 HOH 39 96  96  HOH HOH A . 
D 3 HOH 40 97  97  HOH HOH A . 
D 3 HOH 41 98  98  HOH HOH A . 
D 3 HOH 42 99  99  HOH HOH A . 
D 3 HOH 43 103 103 HOH HOH A . 
D 3 HOH 44 104 104 HOH HOH A . 
D 3 HOH 45 105 105 HOH HOH A . 
D 3 HOH 46 107 107 HOH HOH A . 
D 3 HOH 47 109 109 HOH HOH A . 
D 3 HOH 48 111 111 HOH HOH A . 
D 3 HOH 49 113 113 HOH HOH A . 
D 3 HOH 50 115 115 HOH HOH A . 
D 3 HOH 51 116 116 HOH HOH A . 
D 3 HOH 52 118 118 HOH HOH A . 
D 3 HOH 53 119 119 HOH HOH A . 
D 3 HOH 54 120 120 HOH HOH A . 
D 3 HOH 55 121 121 HOH HOH A . 
D 3 HOH 56 122 122 HOH HOH A . 
D 3 HOH 57 123 123 HOH HOH A . 
D 3 HOH 58 124 124 HOH HOH A . 
D 3 HOH 59 125 125 HOH HOH A . 
D 3 HOH 60 126 126 HOH HOH A . 
D 3 HOH 61 127 127 HOH HOH A . 
D 3 HOH 62 129 129 HOH HOH A . 
D 3 HOH 63 131 131 HOH HOH A . 
D 3 HOH 64 132 132 HOH HOH A . 
D 3 HOH 65 135 135 HOH HOH A . 
D 3 HOH 66 137 137 HOH HOH A . 
D 3 HOH 67 138 138 HOH HOH A . 
D 3 HOH 68 139 139 HOH HOH A . 
D 3 HOH 69 141 141 HOH HOH A . 
D 3 HOH 70 144 144 HOH HOH A . 
D 3 HOH 71 145 145 HOH HOH A . 
D 3 HOH 72 146 146 HOH HOH A . 
D 3 HOH 73 148 148 HOH HOH A . 
D 3 HOH 74 149 149 HOH HOH A . 
D 3 HOH 75 150 150 HOH HOH A . 
D 3 HOH 76 152 152 HOH HOH A . 
D 3 HOH 77 154 154 HOH HOH A . 
D 3 HOH 78 155 155 HOH HOH A . 
D 3 HOH 79 159 159 HOH HOH A . 
D 3 HOH 80 160 160 HOH HOH A . 
D 3 HOH 81 161 161 HOH HOH A . 
D 3 HOH 82 162 162 HOH HOH A . 
E 3 HOH 1  24  24  HOH HOH B . 
E 3 HOH 2  27  27  HOH HOH B . 
E 3 HOH 3  28  28  HOH HOH B . 
E 3 HOH 4  29  29  HOH HOH B . 
E 3 HOH 5  30  30  HOH HOH B . 
E 3 HOH 6  33  33  HOH HOH B . 
E 3 HOH 7  34  34  HOH HOH B . 
E 3 HOH 8  36  36  HOH HOH B . 
E 3 HOH 9  37  37  HOH HOH B . 
E 3 HOH 10 38  38  HOH HOH B . 
E 3 HOH 11 42  42  HOH HOH B . 
E 3 HOH 12 44  44  HOH HOH B . 
E 3 HOH 13 46  46  HOH HOH B . 
E 3 HOH 14 47  47  HOH HOH B . 
E 3 HOH 15 48  48  HOH HOH B . 
E 3 HOH 16 49  49  HOH HOH B . 
E 3 HOH 17 50  50  HOH HOH B . 
E 3 HOH 18 52  52  HOH HOH B . 
E 3 HOH 19 54  54  HOH HOH B . 
E 3 HOH 20 55  55  HOH HOH B . 
E 3 HOH 21 56  56  HOH HOH B . 
E 3 HOH 22 61  61  HOH HOH B . 
E 3 HOH 23 64  64  HOH HOH B . 
E 3 HOH 24 66  66  HOH HOH B . 
E 3 HOH 25 69  69  HOH HOH B . 
E 3 HOH 26 74  74  HOH HOH B . 
E 3 HOH 27 75  75  HOH HOH B . 
E 3 HOH 28 80  80  HOH HOH B . 
E 3 HOH 29 83  83  HOH HOH B . 
E 3 HOH 30 84  84  HOH HOH B . 
E 3 HOH 31 89  89  HOH HOH B . 
E 3 HOH 32 90  90  HOH HOH B . 
E 3 HOH 33 93  93  HOH HOH B . 
E 3 HOH 34 94  94  HOH HOH B . 
E 3 HOH 35 95  95  HOH HOH B . 
E 3 HOH 36 100 100 HOH HOH B . 
E 3 HOH 37 101 101 HOH HOH B . 
E 3 HOH 38 102 102 HOH HOH B . 
E 3 HOH 39 106 106 HOH HOH B . 
E 3 HOH 40 108 108 HOH HOH B . 
E 3 HOH 41 110 110 HOH HOH B . 
E 3 HOH 42 112 112 HOH HOH B . 
E 3 HOH 43 114 114 HOH HOH B . 
E 3 HOH 44 117 117 HOH HOH B . 
E 3 HOH 45 128 128 HOH HOH B . 
E 3 HOH 46 130 130 HOH HOH B . 
E 3 HOH 47 133 133 HOH HOH B . 
E 3 HOH 48 134 134 HOH HOH B . 
E 3 HOH 49 136 136 HOH HOH B . 
E 3 HOH 50 140 140 HOH HOH B . 
E 3 HOH 51 142 142 HOH HOH B . 
E 3 HOH 52 143 143 HOH HOH B . 
E 3 HOH 53 147 147 HOH HOH B . 
E 3 HOH 54 151 151 HOH HOH B . 
E 3 HOH 55 153 153 HOH HOH B . 
E 3 HOH 56 156 156 HOH HOH B . 
E 3 HOH 57 157 157 HOH HOH B . 
E 3 HOH 58 158 158 HOH HOH B . 
# 
loop_
_software.name 
_software.version 
_software.date 
_software.type 
_software.contact_author 
_software.contact_author_email 
_software.classification 
_software.location 
_software.language 
_software.citation_id 
_software.pdbx_ordinal 
DENZO     .   ? package 'Zbyszek Otwinowski' zbyszek@mix.swmed.edu 'data reduction' 
http://www.lnls.br/infra/linhasluz/denzo-hkl.htm ?          ? 1 
SCALEPACK .   ? package 'Zbyszek Otwinowski' zbyszek@mix.swmed.edu 'data scaling'   
http://www.lnls.br/infra/linhasluz/denzo-hkl.htm ?          ? 2 
CNS       1.0 ? package 'Axel T. Brunger'    axel.brunger@yale.edu refinement       http://cns.csb.yale.edu/v1.1/ Fortran_77 ? 3 
CNS       .   ? ?       ?                    ?                     phasing          ? ?          ? 4 
# 
_cell.entry_id           1ZF8 
_cell.length_a           23.770 
_cell.length_b           44.850 
_cell.length_c           49.610 
_cell.angle_alpha        90.00 
_cell.angle_beta         90.00 
_cell.angle_gamma        90.00 
_cell.Z_PDB              8 
_cell.pdbx_unique_axis   ? 
# 
_symmetry.entry_id                         1ZF8 
_symmetry.space_group_name_H-M             'P 21 21 21' 
_symmetry.pdbx_full_space_group_name_H-M   ? 
_symmetry.cell_setting                     ? 
_symmetry.Int_Tables_number                19 
_symmetry.space_group_name_Hall            ? 
# 
_exptl.entry_id          1ZF8 
_exptl.method            'X-RAY DIFFRACTION' 
_exptl.crystals_number   1 
# 
_exptl_crystal.id                    1 
_exptl_crystal.density_meas          ? 
_exptl_crystal.density_Matthews      2.17 
_exptl_crystal.density_percent_sol   43.33 
_exptl_crystal.description           ? 
_exptl_crystal.F_000                 ? 
_exptl_crystal.preparation           ? 
# 
_exptl_crystal_grow.crystal_id      1 
_exptl_crystal_grow.method          ? 
_exptl_crystal_grow.temp            298 
_exptl_crystal_grow.temp_details    ? 
_exptl_crystal_grow.pH              7.00 
_exptl_crystal_grow.pdbx_details    
'Na Cacodylate, CaCl2, Spermine, MPD in resevoir, pH 7.0, VAPOR DIFFUSION, SITTING DROP, temperature 298K, pH 7.00' 
_exptl_crystal_grow.pdbx_pH_range   . 
# 
loop_
_exptl_crystal_grow_comp.crystal_id 
_exptl_crystal_grow_comp.id 
_exptl_crystal_grow_comp.sol_id 
_exptl_crystal_grow_comp.name 
_exptl_crystal_grow_comp.conc 
_exptl_crystal_grow_comp.volume 
_exptl_crystal_grow_comp.details 
1 1 1 'Na Cacodylate' ? ? ? 
1 2 1 CaCl2           ? ? ? 
1 3 1 Spermine        ? ? ? 
1 4 1 MPD             ? ? ? 
1 5 1 H2O             ? ? ? 
1 6 2 'Na Cacodylate' ? ? ? 
1 7 2 CaCl2           ? ? ? 
1 8 2 MPD             ? ? ? 
1 9 2 H2O             ? ? ? 
# 
_diffrn.id                     1 
_diffrn.ambient_temp           103.0 
_diffrn.ambient_temp_details   ? 
_diffrn.crystal_id             1 
# 
_diffrn_detector.diffrn_id              1 
_diffrn_detector.detector               'IMAGE PLATE' 
_diffrn_detector.type                   'RIGAKU RAXIS IV' 
_diffrn_detector.pdbx_collection_date   2003-09-29 
_diffrn_detector.details                ? 
# 
_diffrn_radiation.diffrn_id                        1 
_diffrn_radiation.wavelength_id                    1 
_diffrn_radiation.pdbx_monochromatic_or_laue_m_l   M 
_diffrn_radiation.monochromator                    ? 
_diffrn_radiation.pdbx_diffrn_protocol             'SINGLE WAVELENGTH' 
_diffrn_radiation.pdbx_scattering_type             x-ray 
# 
_diffrn_radiation_wavelength.id           1 
_diffrn_radiation_wavelength.wavelength   1.542 
_diffrn_radiation_wavelength.wt           1.0 
# 
_diffrn_source.diffrn_id                   1 
_diffrn_source.source                      'ROTATING ANODE' 
_diffrn_source.type                        'RIGAKU RUH3R' 
_diffrn_source.pdbx_synchrotron_site       ? 
_diffrn_source.pdbx_synchrotron_beamline   ? 
_diffrn_source.pdbx_wavelength             1.542 
_diffrn_source.pdbx_wavelength_list        ? 
# 
_reflns.entry_id                     1ZF8 
_reflns.observed_criterion_sigma_I   0.000 
_reflns.observed_criterion_sigma_F   ? 
_reflns.d_resolution_low             99.000 
_reflns.d_resolution_high            1.480 
_reflns.number_obs                   8459 
_reflns.number_all                   ? 
_reflns.percent_possible_obs         90.2 
_reflns.pdbx_Rmerge_I_obs            0.073 
_reflns.pdbx_Rsym_value              ? 
_reflns.pdbx_netI_over_sigmaI        14.7700 
_reflns.B_iso_Wilson_estimate        4.1 
_reflns.pdbx_redundancy              ? 
_reflns.R_free_details               ? 
_reflns.pdbx_chi_squared             ? 
_reflns.pdbx_scaling_rejects         ? 
_reflns.pdbx_diffrn_id               1 
_reflns.pdbx_ordinal                 1 
# 
_reflns_shell.d_res_high             1.48 
_reflns_shell.d_res_low              1.53 
_reflns_shell.percent_possible_all   60.8 
_reflns_shell.Rmerge_I_obs           0.204 
_reflns_shell.pdbx_Rsym_value        ? 
_reflns_shell.meanI_over_sigI_obs    3.180 
_reflns_shell.pdbx_redundancy        ? 
_reflns_shell.percent_possible_obs   ? 
_reflns_shell.number_unique_all      ? 
_reflns_shell.number_measured_all    ? 
_reflns_shell.number_measured_obs    ? 
_reflns_shell.number_unique_obs      ? 
_reflns_shell.pdbx_chi_squared       ? 
_reflns_shell.pdbx_diffrn_id         ? 
_reflns_shell.pdbx_ordinal           1 
# 
_refine.entry_id                                 1ZF8 
_refine.ls_number_reflns_obs                     8299 
_refine.ls_number_reflns_all                     ? 
_refine.pdbx_ls_sigma_I                          ? 
_refine.pdbx_ls_sigma_F                          0.000 
_refine.pdbx_data_cutoff_high_absF               45751.25 
_refine.pdbx_data_cutoff_low_absF                0.00 
_refine.pdbx_data_cutoff_high_rms_absF           ? 
_refine.ls_d_res_low                             19.34 
_refine.ls_d_res_high                            1.48 
_refine.ls_percent_reflns_obs                    89.0 
_refine.ls_R_factor_obs                          0.22 
_refine.ls_R_factor_all                          ? 
_refine.ls_R_factor_R_work                       0.22 
_refine.ls_R_factor_R_free                       0.263 
_refine.ls_R_factor_R_free_error                 0.009 
_refine.ls_R_factor_R_free_error_details         ? 
_refine.ls_percent_reflns_R_free                 10.60 
_refine.ls_number_reflns_R_free                  879 
_refine.ls_number_parameters                     ? 
_refine.ls_number_restraints                     ? 
_refine.occupancy_min                            ? 
_refine.occupancy_max                            ? 
_refine.correlation_coeff_Fo_to_Fc               ? 
_refine.correlation_coeff_Fo_to_Fc_free          ? 
_refine.B_iso_mean                               6.5 
_refine.aniso_B[1][1]                            -0.66 
_refine.aniso_B[2][2]                            0.14 
_refine.aniso_B[3][3]                            0.51 
_refine.aniso_B[1][2]                            0.00000 
_refine.aniso_B[1][3]                            0.00000 
_refine.aniso_B[2][3]                            0.00000 
_refine.solvent_model_details                    ? 
_refine.solvent_model_param_ksol                 ? 
_refine.solvent_model_param_bsol                 39.67 
_refine.pdbx_solvent_vdw_probe_radii             ? 
_refine.pdbx_solvent_ion_probe_radii             ? 
_refine.pdbx_solvent_shrinkage_radii             ? 
_refine.pdbx_ls_cross_valid_method               THROUGHOUT 
_refine.details                                  
'STRUCTURE IS NOT REFINED TO ITS LOWEST R AND RFREE VALUES. REFER TO CITATION ABOVE FOR DETAILS.' 
_refine.pdbx_starting_model                      'ndb entry AH0011' 
_refine.pdbx_method_to_determine_struct          'MOLECULAR REPLACEMENT' 
_refine.pdbx_isotropic_thermal_model             RESTRAINED 
_refine.pdbx_stereochemistry_target_values       'MAXIMUM LIKELIHOOD' 
_refine.pdbx_stereochem_target_val_spec_case     ? 
_refine.pdbx_R_Free_selection_details            RANDOM 
_refine.pdbx_overall_ESU_R                       ? 
_refine.pdbx_overall_ESU_R_Free                  ? 
_refine.overall_SU_ML                            ? 
_refine.overall_SU_B                             ? 
_refine.ls_redundancy_reflns_obs                 ? 
_refine.overall_SU_R_Cruickshank_DPI             ? 
_refine.overall_SU_R_free                        ? 
_refine.ls_wR_factor_R_free                      ? 
_refine.ls_wR_factor_R_work                      ? 
_refine.overall_FOM_free_R_set                   ? 
_refine.overall_FOM_work_R_set                   ? 
_refine.pdbx_refine_id                           'X-RAY DIFFRACTION' 
_refine.pdbx_diffrn_id                           1 
_refine.pdbx_TLS_residual_ADP_flag               ? 
_refine.pdbx_overall_phase_error                 ? 
_refine.pdbx_overall_SU_R_free_Cruickshank_DPI   ? 
_refine.pdbx_overall_SU_R_Blow_DPI               ? 
_refine.pdbx_overall_SU_R_free_Blow_DPI          ? 
# 
_refine_analyze.entry_id                        1ZF8 
_refine_analyze.Luzzati_coordinate_error_obs    0.18 
_refine_analyze.Luzzati_sigma_a_obs             0.09 
_refine_analyze.Luzzati_d_res_low_obs           5.00 
_refine_analyze.Luzzati_coordinate_error_free   0.23 
_refine_analyze.Luzzati_sigma_a_free            0.09 
_refine_analyze.Luzzati_d_res_low_free          ? 
_refine_analyze.number_disordered_residues      ? 
_refine_analyze.occupancy_sum_hydrogen          ? 
_refine_analyze.occupancy_sum_non_hydrogen      ? 
_refine_analyze.pdbx_refine_id                  'X-RAY DIFFRACTION' 
# 
_refine_hist.pdbx_refine_id                   'X-RAY DIFFRACTION' 
_refine_hist.cycle_id                         LAST 
_refine_hist.pdbx_number_atoms_protein        0 
_refine_hist.pdbx_number_atoms_nucleic_acid   404 
_refine_hist.pdbx_number_atoms_ligand         1 
_refine_hist.number_atoms_solvent             140 
_refine_hist.number_atoms_total               545 
_refine_hist.d_res_high                       1.48 
_refine_hist.d_res_low                        19.34 
# 
loop_
_refine_ls_restr.type 
_refine_ls_restr.dev_ideal 
_refine_ls_restr.dev_ideal_target 
_refine_ls_restr.weight 
_refine_ls_restr.number 
_refine_ls_restr.pdbx_refine_id 
_refine_ls_restr.pdbx_restraint_function 
c_bond_d                0.014 ?     ? ? 'X-RAY DIFFRACTION' ? 
c_bond_d_na             ?     ?     ? ? 'X-RAY DIFFRACTION' ? 
c_bond_d_prot           ?     ?     ? ? 'X-RAY DIFFRACTION' ? 
c_angle_d               ?     ?     ? ? 'X-RAY DIFFRACTION' ? 
c_angle_d_na            ?     ?     ? ? 'X-RAY DIFFRACTION' ? 
c_angle_d_prot          ?     ?     ? ? 'X-RAY DIFFRACTION' ? 
c_angle_deg             2.2   ?     ? ? 'X-RAY DIFFRACTION' ? 
c_angle_deg_na          ?     ?     ? ? 'X-RAY DIFFRACTION' ? 
c_angle_deg_prot        ?     ?     ? ? 'X-RAY DIFFRACTION' ? 
c_dihedral_angle_d      31.4  ?     ? ? 'X-RAY DIFFRACTION' ? 
c_dihedral_angle_d_na   ?     ?     ? ? 'X-RAY DIFFRACTION' ? 
c_dihedral_angle_d_prot ?     ?     ? ? 'X-RAY DIFFRACTION' ? 
c_improper_angle_d      1.99  ?     ? ? 'X-RAY DIFFRACTION' ? 
c_improper_angle_d_na   ?     ?     ? ? 'X-RAY DIFFRACTION' ? 
c_improper_angle_d_prot ?     ?     ? ? 'X-RAY DIFFRACTION' ? 
c_mcbond_it             3.289 ?     ? ? 'X-RAY DIFFRACTION' ? 
c_mcangle_it            2.954 0.000 ? ? 'X-RAY DIFFRACTION' ? 
c_scbond_it             3.661 0.000 ? ? 'X-RAY DIFFRACTION' ? 
c_scangle_it            4.182 0.000 ? ? 'X-RAY DIFFRACTION' ? 
# 
_refine_ls_shell.pdbx_total_number_of_bins_used   6 
_refine_ls_shell.d_res_high                       1.48 
_refine_ls_shell.d_res_low                        1.57 
_refine_ls_shell.number_reflns_R_work             901 
_refine_ls_shell.R_factor_R_work                  0.261 
_refine_ls_shell.percent_reflns_obs               65.3 
_refine_ls_shell.R_factor_R_free                  0.283 
_refine_ls_shell.R_factor_R_free_error            0.030 
_refine_ls_shell.percent_reflns_R_free            9.2 
_refine_ls_shell.number_reflns_R_free             91 
_refine_ls_shell.redundancy_reflns_obs            ? 
_refine_ls_shell.pdbx_refine_id                   'X-RAY DIFFRACTION' 
_refine_ls_shell.number_reflns_all                ? 
_refine_ls_shell.R_factor_all                     ? 
# 
loop_
_pdbx_xplor_file.serial_no 
_pdbx_xplor_file.param_file 
_pdbx_xplor_file.topol_file 
_pdbx_xplor_file.pdbx_refine_id 
1 CNS_TOPPAR:DNA-RNA_REP.PARAM CNS_TOPPAR:DNA-RNA.TOP  'X-RAY DIFFRACTION' 
2 CNS_TOPPAR:WATER_REP.PARAM   CNS_TOPPAR:DNA-RNA.LINK 'X-RAY DIFFRACTION' 
3 CNS_TOPPAR:ION.PARAM         CNS_TOPPAR:WATER.TOP    'X-RAY DIFFRACTION' 
4 ?                            CNS_TOPPAR:ION.TOP      'X-RAY DIFFRACTION' 
# 
_struct.entry_id                  1ZF8 
_struct.title                     'GGT Duplex A-DNA' 
_struct.pdbx_model_details        ? 
_struct.pdbx_CASP_flag            ? 
_struct.pdbx_model_type_details   ? 
# 
_struct_keywords.text            'Crystallographic Screen, DNA Structure, Holliday Junction, Molecular Structure, DNA' 
_struct_keywords.entry_id        1ZF8 
_struct_keywords.pdbx_keywords   DNA 
# 
loop_
_struct_asym.id 
_struct_asym.pdbx_blank_PDB_chainid_flag 
_struct_asym.pdbx_modified 
_struct_asym.entity_id 
_struct_asym.details 
A N N 1 ? 
B N N 1 ? 
C N N 2 ? 
D N N 3 ? 
E N N 3 ? 
# 
_struct_ref.id                         1 
_struct_ref.entity_id                  1 
_struct_ref.db_name                    PDB 
_struct_ref.db_code                    1ZF8 
_struct_ref.pdbx_db_accession          1ZF8 
_struct_ref.pdbx_db_isoform            ? 
_struct_ref.pdbx_seq_one_letter_code   ? 
_struct_ref.pdbx_align_begin           ? 
# 
loop_
_struct_ref_seq.align_id 
_struct_ref_seq.ref_id 
_struct_ref_seq.pdbx_PDB_id_code 
_struct_ref_seq.pdbx_strand_id 
_struct_ref_seq.seq_align_beg 
_struct_ref_seq.pdbx_seq_align_beg_ins_code 
_struct_ref_seq.seq_align_end 
_struct_ref_seq.pdbx_seq_align_end_ins_code 
_struct_ref_seq.pdbx_db_accession 
_struct_ref_seq.db_align_beg 
_struct_ref_seq.pdbx_db_align_beg_ins_code 
_struct_ref_seq.db_align_end 
_struct_ref_seq.pdbx_db_align_end_ins_code 
_struct_ref_seq.pdbx_auth_seq_align_beg 
_struct_ref_seq.pdbx_auth_seq_align_end 
1 1 1ZF8 A 1 ? 10 ? 1ZF8 1  ? 10 ? 1  10 
2 1 1ZF8 B 1 ? 10 ? 1ZF8 11 ? 20 ? 11 20 
# 
_pdbx_struct_assembly.id                   1 
_pdbx_struct_assembly.details              author_defined_assembly 
_pdbx_struct_assembly.method_details       ? 
_pdbx_struct_assembly.oligomeric_details   dimeric 
_pdbx_struct_assembly.oligomeric_count     2 
# 
_pdbx_struct_assembly_gen.assembly_id       1 
_pdbx_struct_assembly_gen.oper_expression   1 
_pdbx_struct_assembly_gen.asym_id_list      A,B,C,D,E 
# 
_pdbx_struct_oper_list.id                   1 
_pdbx_struct_oper_list.type                 'identity operation' 
_pdbx_struct_oper_list.name                 1_555 
_pdbx_struct_oper_list.symmetry_operation   x,y,z 
_pdbx_struct_oper_list.matrix[1][1]         1.0000000000 
_pdbx_struct_oper_list.matrix[1][2]         0.0000000000 
_pdbx_struct_oper_list.matrix[1][3]         0.0000000000 
_pdbx_struct_oper_list.vector[1]            0.0000000000 
_pdbx_struct_oper_list.matrix[2][1]         0.0000000000 
_pdbx_struct_oper_list.matrix[2][2]         1.0000000000 
_pdbx_struct_oper_list.matrix[2][3]         0.0000000000 
_pdbx_struct_oper_list.vector[2]            0.0000000000 
_pdbx_struct_oper_list.matrix[3][1]         0.0000000000 
_pdbx_struct_oper_list.matrix[3][2]         0.0000000000 
_pdbx_struct_oper_list.matrix[3][3]         1.0000000000 
_pdbx_struct_oper_list.vector[3]            0.0000000000 
# 
_struct_biol.id                    1 
_struct_biol.pdbx_parent_biol_id   ? 
_struct_biol.details               ? 
# 
loop_
_struct_conn.id 
_struct_conn.conn_type_id 
_struct_conn.pdbx_leaving_atom_flag 
_struct_conn.pdbx_PDB_id 
_struct_conn.ptnr1_label_asym_id 
_struct_conn.ptnr1_label_comp_id 
_struct_conn.ptnr1_label_seq_id 
_struct_conn.ptnr1_label_atom_id 
_struct_conn.pdbx_ptnr1_label_alt_id 
_struct_conn.pdbx_ptnr1_PDB_ins_code 
_struct_conn.pdbx_ptnr1_standard_comp_id 
_struct_conn.ptnr1_symmetry 
_struct_conn.ptnr2_label_asym_id 
_struct_conn.ptnr2_label_comp_id 
_struct_conn.ptnr2_label_seq_id 
_struct_conn.ptnr2_label_atom_id 
_struct_conn.pdbx_ptnr2_label_alt_id 
_struct_conn.pdbx_ptnr2_PDB_ins_code 
_struct_conn.ptnr1_auth_asym_id 
_struct_conn.ptnr1_auth_comp_id 
_struct_conn.ptnr1_auth_seq_id 
_struct_conn.ptnr2_auth_asym_id 
_struct_conn.ptnr2_auth_comp_id 
_struct_conn.ptnr2_auth_seq_id 
_struct_conn.ptnr2_symmetry 
_struct_conn.pdbx_ptnr3_label_atom_id 
_struct_conn.pdbx_ptnr3_label_seq_id 
_struct_conn.pdbx_ptnr3_label_comp_id 
_struct_conn.pdbx_ptnr3_label_asym_id 
_struct_conn.pdbx_ptnr3_label_alt_id 
_struct_conn.pdbx_ptnr3_PDB_ins_code 
_struct_conn.details 
_struct_conn.pdbx_dist_value 
_struct_conn.pdbx_value_order 
_struct_conn.pdbx_role 
metalc1  metalc ? ? C CA .  CA ? ? ? 1_555 E HOH .  O  ? ? B CA 21 B HOH 28 1_555 ? ? ? ? ? ? ?            2.579 ? ? 
metalc2  metalc ? ? C CA .  CA ? ? ? 1_555 E HOH .  O  ? ? B CA 21 B HOH 30 1_555 ? ? ? ? ? ? ?            2.356 ? ? 
metalc3  metalc ? ? C CA .  CA ? ? ? 1_555 E HOH .  O  ? ? B CA 21 B HOH 33 1_555 ? ? ? ? ? ? ?            2.516 ? ? 
metalc4  metalc ? ? C CA .  CA ? ? ? 1_555 E HOH .  O  ? ? B CA 21 B HOH 46 1_555 ? ? ? ? ? ? ?            2.408 ? ? 
metalc5  metalc ? ? C CA .  CA ? ? ? 1_555 E HOH .  O  ? ? B CA 21 B HOH 48 1_555 ? ? ? ? ? ? ?            2.538 ? ? 
metalc6  metalc ? ? C CA .  CA ? ? ? 1_555 E HOH .  O  ? ? B CA 21 B HOH 50 1_555 ? ? ? ? ? ? ?            2.474 ? ? 
metalc7  metalc ? ? C CA .  CA ? ? ? 1_555 E HOH .  O  ? ? B CA 21 B HOH 61 1_555 ? ? ? ? ? ? ?            2.390 ? ? 
hydrog1  hydrog ? ? A DC 1  N3 ? ? ? 1_555 B DG  10 N1 ? ? A DC 1  B DG  20 1_555 ? ? ? ? ? ? WATSON-CRICK ?     ? ? 
hydrog2  hydrog ? ? A DC 1  N4 ? ? ? 1_555 B DG  10 O6 ? ? A DC 1  B DG  20 1_555 ? ? ? ? ? ? WATSON-CRICK ?     ? ? 
hydrog3  hydrog ? ? A DC 1  O2 ? ? ? 1_555 B DG  10 N2 ? ? A DC 1  B DG  20 1_555 ? ? ? ? ? ? WATSON-CRICK ?     ? ? 
hydrog4  hydrog ? ? A DC 2  N3 ? ? ? 1_555 B DG  9  N1 ? ? A DC 2  B DG  19 1_555 ? ? ? ? ? ? WATSON-CRICK ?     ? ? 
hydrog5  hydrog ? ? A DC 2  N4 ? ? ? 1_555 B DG  9  O6 ? ? A DC 2  B DG  19 1_555 ? ? ? ? ? ? WATSON-CRICK ?     ? ? 
hydrog6  hydrog ? ? A DC 2  O2 ? ? ? 1_555 B DG  9  N2 ? ? A DC 2  B DG  19 1_555 ? ? ? ? ? ? WATSON-CRICK ?     ? ? 
hydrog7  hydrog ? ? A DA 3  N1 ? ? ? 1_555 B DT  8  N3 ? ? A DA 3  B DT  18 1_555 ? ? ? ? ? ? WATSON-CRICK ?     ? ? 
hydrog8  hydrog ? ? A DA 3  N6 ? ? ? 1_555 B DT  8  O4 ? ? A DA 3  B DT  18 1_555 ? ? ? ? ? ? WATSON-CRICK ?     ? ? 
hydrog9  hydrog ? ? A DC 4  N3 ? ? ? 1_555 B DG  7  N1 ? ? A DC 4  B DG  17 1_555 ? ? ? ? ? ? WATSON-CRICK ?     ? ? 
hydrog10 hydrog ? ? A DC 4  N4 ? ? ? 1_555 B DG  7  O6 ? ? A DC 4  B DG  17 1_555 ? ? ? ? ? ? WATSON-CRICK ?     ? ? 
hydrog11 hydrog ? ? A DC 4  O2 ? ? ? 1_555 B DG  7  N2 ? ? A DC 4  B DG  17 1_555 ? ? ? ? ? ? WATSON-CRICK ?     ? ? 
hydrog12 hydrog ? ? A DC 5  N3 ? ? ? 1_555 B DG  6  N1 ? ? A DC 5  B DG  16 1_555 ? ? ? ? ? ? WATSON-CRICK ?     ? ? 
hydrog13 hydrog ? ? A DC 5  N4 ? ? ? 1_555 B DG  6  O6 ? ? A DC 5  B DG  16 1_555 ? ? ? ? ? ? WATSON-CRICK ?     ? ? 
hydrog14 hydrog ? ? A DC 5  O2 ? ? ? 1_555 B DG  6  N2 ? ? A DC 5  B DG  16 1_555 ? ? ? ? ? ? WATSON-CRICK ?     ? ? 
hydrog15 hydrog ? ? A DG 6  N1 ? ? ? 1_555 B DC  5  N3 ? ? A DG 6  B DC  15 1_555 ? ? ? ? ? ? WATSON-CRICK ?     ? ? 
hydrog16 hydrog ? ? A DG 6  N2 ? ? ? 1_555 B DC  5  O2 ? ? A DG 6  B DC  15 1_555 ? ? ? ? ? ? WATSON-CRICK ?     ? ? 
hydrog17 hydrog ? ? A DG 6  O6 ? ? ? 1_555 B DC  5  N4 ? ? A DG 6  B DC  15 1_555 ? ? ? ? ? ? WATSON-CRICK ?     ? ? 
hydrog18 hydrog ? ? A DG 7  N1 ? ? ? 1_555 B DC  4  N3 ? ? A DG 7  B DC  14 1_555 ? ? ? ? ? ? WATSON-CRICK ?     ? ? 
hydrog19 hydrog ? ? A DG 7  N2 ? ? ? 1_555 B DC  4  O2 ? ? A DG 7  B DC  14 1_555 ? ? ? ? ? ? WATSON-CRICK ?     ? ? 
hydrog20 hydrog ? ? A DG 7  O6 ? ? ? 1_555 B DC  4  N4 ? ? A DG 7  B DC  14 1_555 ? ? ? ? ? ? WATSON-CRICK ?     ? ? 
hydrog21 hydrog ? ? A DT 8  N3 ? ? ? 1_555 B DA  3  N1 ? ? A DT 8  B DA  13 1_555 ? ? ? ? ? ? WATSON-CRICK ?     ? ? 
hydrog22 hydrog ? ? A DT 8  O4 ? ? ? 1_555 B DA  3  N6 ? ? A DT 8  B DA  13 1_555 ? ? ? ? ? ? WATSON-CRICK ?     ? ? 
hydrog23 hydrog ? ? A DG 9  N1 ? ? ? 1_555 B DC  2  N3 ? ? A DG 9  B DC  12 1_555 ? ? ? ? ? ? WATSON-CRICK ?     ? ? 
hydrog24 hydrog ? ? A DG 9  N2 ? ? ? 1_555 B DC  2  O2 ? ? A DG 9  B DC  12 1_555 ? ? ? ? ? ? WATSON-CRICK ?     ? ? 
hydrog25 hydrog ? ? A DG 9  O6 ? ? ? 1_555 B DC  2  N4 ? ? A DG 9  B DC  12 1_555 ? ? ? ? ? ? WATSON-CRICK ?     ? ? 
hydrog26 hydrog ? ? A DG 10 N1 ? ? ? 1_555 B DC  1  O2 ? ? A DG 10 B DC  11 1_555 ? ? ? ? ? ? 'DG-DC PAIR' ?     ? ? 
# 
loop_
_struct_conn_type.id 
_struct_conn_type.criteria 
_struct_conn_type.reference 
metalc ? ? 
hydrog ? ? 
# 
loop_
_pdbx_struct_conn_angle.id 
_pdbx_struct_conn_angle.ptnr1_label_atom_id 
_pdbx_struct_conn_angle.ptnr1_label_alt_id 
_pdbx_struct_conn_angle.ptnr1_label_asym_id 
_pdbx_struct_conn_angle.ptnr1_label_comp_id 
_pdbx_struct_conn_angle.ptnr1_label_seq_id 
_pdbx_struct_conn_angle.ptnr1_auth_atom_id 
_pdbx_struct_conn_angle.ptnr1_auth_asym_id 
_pdbx_struct_conn_angle.ptnr1_auth_comp_id 
_pdbx_struct_conn_angle.ptnr1_auth_seq_id 
_pdbx_struct_conn_angle.ptnr1_PDB_ins_code 
_pdbx_struct_conn_angle.ptnr1_symmetry 
_pdbx_struct_conn_angle.ptnr2_label_atom_id 
_pdbx_struct_conn_angle.ptnr2_label_alt_id 
_pdbx_struct_conn_angle.ptnr2_label_asym_id 
_pdbx_struct_conn_angle.ptnr2_label_comp_id 
_pdbx_struct_conn_angle.ptnr2_label_seq_id 
_pdbx_struct_conn_angle.ptnr2_auth_atom_id 
_pdbx_struct_conn_angle.ptnr2_auth_asym_id 
_pdbx_struct_conn_angle.ptnr2_auth_comp_id 
_pdbx_struct_conn_angle.ptnr2_auth_seq_id 
_pdbx_struct_conn_angle.ptnr2_PDB_ins_code 
_pdbx_struct_conn_angle.ptnr2_symmetry 
_pdbx_struct_conn_angle.ptnr3_label_atom_id 
_pdbx_struct_conn_angle.ptnr3_label_alt_id 
_pdbx_struct_conn_angle.ptnr3_label_asym_id 
_pdbx_struct_conn_angle.ptnr3_label_comp_id 
_pdbx_struct_conn_angle.ptnr3_label_seq_id 
_pdbx_struct_conn_angle.ptnr3_auth_atom_id 
_pdbx_struct_conn_angle.ptnr3_auth_asym_id 
_pdbx_struct_conn_angle.ptnr3_auth_comp_id 
_pdbx_struct_conn_angle.ptnr3_auth_seq_id 
_pdbx_struct_conn_angle.ptnr3_PDB_ins_code 
_pdbx_struct_conn_angle.ptnr3_symmetry 
_pdbx_struct_conn_angle.value 
_pdbx_struct_conn_angle.value_esd 
1  O ? E HOH . ? B HOH 28 ? 1_555 CA ? C CA . ? B CA 21 ? 1_555 O ? E HOH . ? B HOH 30 ? 1_555 135.5 ? 
2  O ? E HOH . ? B HOH 28 ? 1_555 CA ? C CA . ? B CA 21 ? 1_555 O ? E HOH . ? B HOH 33 ? 1_555 73.5  ? 
3  O ? E HOH . ? B HOH 30 ? 1_555 CA ? C CA . ? B CA 21 ? 1_555 O ? E HOH . ? B HOH 33 ? 1_555 140.1 ? 
4  O ? E HOH . ? B HOH 28 ? 1_555 CA ? C CA . ? B CA 21 ? 1_555 O ? E HOH . ? B HOH 46 ? 1_555 93.0  ? 
5  O ? E HOH . ? B HOH 30 ? 1_555 CA ? C CA . ? B CA 21 ? 1_555 O ? E HOH . ? B HOH 46 ? 1_555 114.1 ? 
6  O ? E HOH . ? B HOH 33 ? 1_555 CA ? C CA . ? B CA 21 ? 1_555 O ? E HOH . ? B HOH 46 ? 1_555 84.3  ? 
7  O ? E HOH . ? B HOH 28 ? 1_555 CA ? C CA . ? B CA 21 ? 1_555 O ? E HOH . ? B HOH 48 ? 1_555 75.1  ? 
8  O ? E HOH . ? B HOH 30 ? 1_555 CA ? C CA . ? B CA 21 ? 1_555 O ? E HOH . ? B HOH 48 ? 1_555 73.8  ? 
9  O ? E HOH . ? B HOH 33 ? 1_555 CA ? C CA . ? B CA 21 ? 1_555 O ? E HOH . ? B HOH 48 ? 1_555 145.6 ? 
10 O ? E HOH . ? B HOH 46 ? 1_555 CA ? C CA . ? B CA 21 ? 1_555 O ? E HOH . ? B HOH 48 ? 1_555 83.7  ? 
11 O ? E HOH . ? B HOH 28 ? 1_555 CA ? C CA . ? B CA 21 ? 1_555 O ? E HOH . ? B HOH 50 ? 1_555 141.5 ? 
12 O ? E HOH . ? B HOH 30 ? 1_555 CA ? C CA . ? B CA 21 ? 1_555 O ? E HOH . ? B HOH 50 ? 1_555 80.9  ? 
13 O ? E HOH . ? B HOH 33 ? 1_555 CA ? C CA . ? B CA 21 ? 1_555 O ? E HOH . ? B HOH 50 ? 1_555 68.5  ? 
14 O ? E HOH . ? B HOH 46 ? 1_555 CA ? C CA . ? B CA 21 ? 1_555 O ? E HOH . ? B HOH 50 ? 1_555 77.6  ? 
15 O ? E HOH . ? B HOH 48 ? 1_555 CA ? C CA . ? B CA 21 ? 1_555 O ? E HOH . ? B HOH 50 ? 1_555 138.8 ? 
16 O ? E HOH . ? B HOH 28 ? 1_555 CA ? C CA . ? B CA 21 ? 1_555 O ? E HOH . ? B HOH 61 ? 1_555 82.3  ? 
17 O ? E HOH . ? B HOH 30 ? 1_555 CA ? C CA . ? B CA 21 ? 1_555 O ? E HOH . ? B HOH 61 ? 1_555 78.4  ? 
18 O ? E HOH . ? B HOH 33 ? 1_555 CA ? C CA . ? B CA 21 ? 1_555 O ? E HOH . ? B HOH 61 ? 1_555 80.7  ? 
19 O ? E HOH . ? B HOH 46 ? 1_555 CA ? C CA . ? B CA 21 ? 1_555 O ? E HOH . ? B HOH 61 ? 1_555 165.0 ? 
20 O ? E HOH . ? B HOH 48 ? 1_555 CA ? C CA . ? B CA 21 ? 1_555 O ? E HOH . ? B HOH 61 ? 1_555 108.6 ? 
21 O ? E HOH . ? B HOH 50 ? 1_555 CA ? C CA . ? B CA 21 ? 1_555 O ? E HOH . ? B HOH 61 ? 1_555 97.2  ? 
# 
_struct_site.id                   AC1 
_struct_site.pdbx_evidence_code   Software 
_struct_site.pdbx_auth_asym_id    B 
_struct_site.pdbx_auth_comp_id    CA 
_struct_site.pdbx_auth_seq_id     21 
_struct_site.pdbx_auth_ins_code   ? 
_struct_site.pdbx_num_residues    7 
_struct_site.details              'BINDING SITE FOR RESIDUE CA B 21' 
# 
loop_
_struct_site_gen.id 
_struct_site_gen.site_id 
_struct_site_gen.pdbx_num_res 
_struct_site_gen.label_comp_id 
_struct_site_gen.label_asym_id 
_struct_site_gen.label_seq_id 
_struct_site_gen.pdbx_auth_ins_code 
_struct_site_gen.auth_comp_id 
_struct_site_gen.auth_asym_id 
_struct_site_gen.auth_seq_id 
_struct_site_gen.label_atom_id 
_struct_site_gen.label_alt_id 
_struct_site_gen.symmetry 
_struct_site_gen.details 
1 AC1 7 HOH E . ? HOH B 28 . ? 1_555 ? 
2 AC1 7 HOH E . ? HOH B 30 . ? 1_555 ? 
3 AC1 7 HOH E . ? HOH B 33 . ? 1_555 ? 
4 AC1 7 HOH E . ? HOH B 46 . ? 1_555 ? 
5 AC1 7 HOH E . ? HOH B 48 . ? 1_555 ? 
6 AC1 7 HOH E . ? HOH B 50 . ? 1_555 ? 
7 AC1 7 HOH E . ? HOH B 61 . ? 1_555 ? 
# 
loop_
_pdbx_validate_close_contact.id 
_pdbx_validate_close_contact.PDB_model_num 
_pdbx_validate_close_contact.auth_atom_id_1 
_pdbx_validate_close_contact.auth_asym_id_1 
_pdbx_validate_close_contact.auth_comp_id_1 
_pdbx_validate_close_contact.auth_seq_id_1 
_pdbx_validate_close_contact.PDB_ins_code_1 
_pdbx_validate_close_contact.label_alt_id_1 
_pdbx_validate_close_contact.auth_atom_id_2 
_pdbx_validate_close_contact.auth_asym_id_2 
_pdbx_validate_close_contact.auth_comp_id_2 
_pdbx_validate_close_contact.auth_seq_id_2 
_pdbx_validate_close_contact.PDB_ins_code_2 
_pdbx_validate_close_contact.label_alt_id_2 
_pdbx_validate_close_contact.dist 
1 1 O  A HOH 22 ? ? O A HOH 57  ? ? 2.10 
2 1 N3 A DG  9  ? ? O A HOH 43  ? ? 2.10 
3 1 O  B HOH 56 ? ? O B HOH 75  ? ? 2.13 
4 1 C2 B DA  13 ? ? O A HOH 43  ? ? 2.16 
5 1 N2 A DG  10 ? ? O A HOH 159 ? ? 2.17 
# 
_pdbx_validate_symm_contact.id                1 
_pdbx_validate_symm_contact.PDB_model_num     1 
_pdbx_validate_symm_contact.auth_atom_id_1    O 
_pdbx_validate_symm_contact.auth_asym_id_1    A 
_pdbx_validate_symm_contact.auth_comp_id_1    HOH 
_pdbx_validate_symm_contact.auth_seq_id_1     118 
_pdbx_validate_symm_contact.PDB_ins_code_1    ? 
_pdbx_validate_symm_contact.label_alt_id_1    ? 
_pdbx_validate_symm_contact.site_symmetry_1   1_555 
_pdbx_validate_symm_contact.auth_atom_id_2    O 
_pdbx_validate_symm_contact.auth_asym_id_2    A 
_pdbx_validate_symm_contact.auth_comp_id_2    HOH 
_pdbx_validate_symm_contact.auth_seq_id_2     145 
_pdbx_validate_symm_contact.PDB_ins_code_2    ? 
_pdbx_validate_symm_contact.label_alt_id_2    ? 
_pdbx_validate_symm_contact.site_symmetry_2   3_555 
_pdbx_validate_symm_contact.dist              2.11 
# 
loop_
_pdbx_validate_rmsd_angle.id 
_pdbx_validate_rmsd_angle.PDB_model_num 
_pdbx_validate_rmsd_angle.auth_atom_id_1 
_pdbx_validate_rmsd_angle.auth_asym_id_1 
_pdbx_validate_rmsd_angle.auth_comp_id_1 
_pdbx_validate_rmsd_angle.auth_seq_id_1 
_pdbx_validate_rmsd_angle.PDB_ins_code_1 
_pdbx_validate_rmsd_angle.label_alt_id_1 
_pdbx_validate_rmsd_angle.auth_atom_id_2 
_pdbx_validate_rmsd_angle.auth_asym_id_2 
_pdbx_validate_rmsd_angle.auth_comp_id_2 
_pdbx_validate_rmsd_angle.auth_seq_id_2 
_pdbx_validate_rmsd_angle.PDB_ins_code_2 
_pdbx_validate_rmsd_angle.label_alt_id_2 
_pdbx_validate_rmsd_angle.auth_atom_id_3 
_pdbx_validate_rmsd_angle.auth_asym_id_3 
_pdbx_validate_rmsd_angle.auth_comp_id_3 
_pdbx_validate_rmsd_angle.auth_seq_id_3 
_pdbx_validate_rmsd_angle.PDB_ins_code_3 
_pdbx_validate_rmsd_angle.label_alt_id_3 
_pdbx_validate_rmsd_angle.angle_value 
_pdbx_validate_rmsd_angle.angle_target_value 
_pdbx_validate_rmsd_angle.angle_deviation 
_pdbx_validate_rmsd_angle.angle_standard_deviation 
_pdbx_validate_rmsd_angle.linker_flag 
1 1 "O4'" A DG 7  ? ? "C4'" A DG 7  ? ? "C3'" A DG 7  ? ? 101.62 104.50 -2.88 0.40 N 
2 1 "O4'" B DA 13 ? ? "C1'" B DA 13 ? ? N9    B DA 13 ? ? 110.64 108.30 2.34  0.30 N 
3 1 "O4'" B DC 14 ? ? "C1'" B DC 14 ? ? N1    B DC 14 ? ? 110.25 108.30 1.95  0.30 N 
4 1 "O4'" B DG 17 ? ? "C1'" B DG 17 ? ? N9    B DG 17 ? ? 110.20 108.30 1.90  0.30 N 
# 
loop_
_pdbx_validate_planes.id 
_pdbx_validate_planes.PDB_model_num 
_pdbx_validate_planes.auth_comp_id 
_pdbx_validate_planes.auth_asym_id 
_pdbx_validate_planes.auth_seq_id 
_pdbx_validate_planes.PDB_ins_code 
_pdbx_validate_planes.label_alt_id 
_pdbx_validate_planes.rmsd 
_pdbx_validate_planes.type 
1 1 DC A 5  ? ? 0.061 'SIDE CHAIN' 
2 1 DT A 8  ? ? 0.070 'SIDE CHAIN' 
3 1 DA B 13 ? ? 0.057 'SIDE CHAIN' 
# 
loop_
_chem_comp_atom.comp_id 
_chem_comp_atom.atom_id 
_chem_comp_atom.type_symbol 
_chem_comp_atom.pdbx_aromatic_flag 
_chem_comp_atom.pdbx_stereo_config 
_chem_comp_atom.pdbx_ordinal 
CA  CA     CA N N 1   
DA  OP3    O  N N 2   
DA  P      P  N N 3   
DA  OP1    O  N N 4   
DA  OP2    O  N N 5   
DA  "O5'"  O  N N 6   
DA  "C5'"  C  N N 7   
DA  "C4'"  C  N R 8   
DA  "O4'"  O  N N 9   
DA  "C3'"  C  N S 10  
DA  "O3'"  O  N N 11  
DA  "C2'"  C  N N 12  
DA  "C1'"  C  N R 13  
DA  N9     N  Y N 14  
DA  C8     C  Y N 15  
DA  N7     N  Y N 16  
DA  C5     C  Y N 17  
DA  C6     C  Y N 18  
DA  N6     N  N N 19  
DA  N1     N  Y N 20  
DA  C2     C  Y N 21  
DA  N3     N  Y N 22  
DA  C4     C  Y N 23  
DA  HOP3   H  N N 24  
DA  HOP2   H  N N 25  
DA  "H5'"  H  N N 26  
DA  "H5''" H  N N 27  
DA  "H4'"  H  N N 28  
DA  "H3'"  H  N N 29  
DA  "HO3'" H  N N 30  
DA  "H2'"  H  N N 31  
DA  "H2''" H  N N 32  
DA  "H1'"  H  N N 33  
DA  H8     H  N N 34  
DA  H61    H  N N 35  
DA  H62    H  N N 36  
DA  H2     H  N N 37  
DC  OP3    O  N N 38  
DC  P      P  N N 39  
DC  OP1    O  N N 40  
DC  OP2    O  N N 41  
DC  "O5'"  O  N N 42  
DC  "C5'"  C  N N 43  
DC  "C4'"  C  N R 44  
DC  "O4'"  O  N N 45  
DC  "C3'"  C  N S 46  
DC  "O3'"  O  N N 47  
DC  "C2'"  C  N N 48  
DC  "C1'"  C  N R 49  
DC  N1     N  N N 50  
DC  C2     C  N N 51  
DC  O2     O  N N 52  
DC  N3     N  N N 53  
DC  C4     C  N N 54  
DC  N4     N  N N 55  
DC  C5     C  N N 56  
DC  C6     C  N N 57  
DC  HOP3   H  N N 58  
DC  HOP2   H  N N 59  
DC  "H5'"  H  N N 60  
DC  "H5''" H  N N 61  
DC  "H4'"  H  N N 62  
DC  "H3'"  H  N N 63  
DC  "HO3'" H  N N 64  
DC  "H2'"  H  N N 65  
DC  "H2''" H  N N 66  
DC  "H1'"  H  N N 67  
DC  H41    H  N N 68  
DC  H42    H  N N 69  
DC  H5     H  N N 70  
DC  H6     H  N N 71  
DG  OP3    O  N N 72  
DG  P      P  N N 73  
DG  OP1    O  N N 74  
DG  OP2    O  N N 75  
DG  "O5'"  O  N N 76  
DG  "C5'"  C  N N 77  
DG  "C4'"  C  N R 78  
DG  "O4'"  O  N N 79  
DG  "C3'"  C  N S 80  
DG  "O3'"  O  N N 81  
DG  "C2'"  C  N N 82  
DG  "C1'"  C  N R 83  
DG  N9     N  Y N 84  
DG  C8     C  Y N 85  
DG  N7     N  Y N 86  
DG  C5     C  Y N 87  
DG  C6     C  N N 88  
DG  O6     O  N N 89  
DG  N1     N  N N 90  
DG  C2     C  N N 91  
DG  N2     N  N N 92  
DG  N3     N  N N 93  
DG  C4     C  Y N 94  
DG  HOP3   H  N N 95  
DG  HOP2   H  N N 96  
DG  "H5'"  H  N N 97  
DG  "H5''" H  N N 98  
DG  "H4'"  H  N N 99  
DG  "H3'"  H  N N 100 
DG  "HO3'" H  N N 101 
DG  "H2'"  H  N N 102 
DG  "H2''" H  N N 103 
DG  "H1'"  H  N N 104 
DG  H8     H  N N 105 
DG  H1     H  N N 106 
DG  H21    H  N N 107 
DG  H22    H  N N 108 
DT  OP3    O  N N 109 
DT  P      P  N N 110 
DT  OP1    O  N N 111 
DT  OP2    O  N N 112 
DT  "O5'"  O  N N 113 
DT  "C5'"  C  N N 114 
DT  "C4'"  C  N R 115 
DT  "O4'"  O  N N 116 
DT  "C3'"  C  N S 117 
DT  "O3'"  O  N N 118 
DT  "C2'"  C  N N 119 
DT  "C1'"  C  N R 120 
DT  N1     N  N N 121 
DT  C2     C  N N 122 
DT  O2     O  N N 123 
DT  N3     N  N N 124 
DT  C4     C  N N 125 
DT  O4     O  N N 126 
DT  C5     C  N N 127 
DT  C7     C  N N 128 
DT  C6     C  N N 129 
DT  HOP3   H  N N 130 
DT  HOP2   H  N N 131 
DT  "H5'"  H  N N 132 
DT  "H5''" H  N N 133 
DT  "H4'"  H  N N 134 
DT  "H3'"  H  N N 135 
DT  "HO3'" H  N N 136 
DT  "H2'"  H  N N 137 
DT  "H2''" H  N N 138 
DT  "H1'"  H  N N 139 
DT  H3     H  N N 140 
DT  H71    H  N N 141 
DT  H72    H  N N 142 
DT  H73    H  N N 143 
DT  H6     H  N N 144 
HOH O      O  N N 145 
HOH H1     H  N N 146 
HOH H2     H  N N 147 
# 
loop_
_chem_comp_bond.comp_id 
_chem_comp_bond.atom_id_1 
_chem_comp_bond.atom_id_2 
_chem_comp_bond.value_order 
_chem_comp_bond.pdbx_aromatic_flag 
_chem_comp_bond.pdbx_stereo_config 
_chem_comp_bond.pdbx_ordinal 
DA  OP3   P      sing N N 1   
DA  OP3   HOP3   sing N N 2   
DA  P     OP1    doub N N 3   
DA  P     OP2    sing N N 4   
DA  P     "O5'"  sing N N 5   
DA  OP2   HOP2   sing N N 6   
DA  "O5'" "C5'"  sing N N 7   
DA  "C5'" "C4'"  sing N N 8   
DA  "C5'" "H5'"  sing N N 9   
DA  "C5'" "H5''" sing N N 10  
DA  "C4'" "O4'"  sing N N 11  
DA  "C4'" "C3'"  sing N N 12  
DA  "C4'" "H4'"  sing N N 13  
DA  "O4'" "C1'"  sing N N 14  
DA  "C3'" "O3'"  sing N N 15  
DA  "C3'" "C2'"  sing N N 16  
DA  "C3'" "H3'"  sing N N 17  
DA  "O3'" "HO3'" sing N N 18  
DA  "C2'" "C1'"  sing N N 19  
DA  "C2'" "H2'"  sing N N 20  
DA  "C2'" "H2''" sing N N 21  
DA  "C1'" N9     sing N N 22  
DA  "C1'" "H1'"  sing N N 23  
DA  N9    C8     sing Y N 24  
DA  N9    C4     sing Y N 25  
DA  C8    N7     doub Y N 26  
DA  C8    H8     sing N N 27  
DA  N7    C5     sing Y N 28  
DA  C5    C6     sing Y N 29  
DA  C5    C4     doub Y N 30  
DA  C6    N6     sing N N 31  
DA  C6    N1     doub Y N 32  
DA  N6    H61    sing N N 33  
DA  N6    H62    sing N N 34  
DA  N1    C2     sing Y N 35  
DA  C2    N3     doub Y N 36  
DA  C2    H2     sing N N 37  
DA  N3    C4     sing Y N 38  
DC  OP3   P      sing N N 39  
DC  OP3   HOP3   sing N N 40  
DC  P     OP1    doub N N 41  
DC  P     OP2    sing N N 42  
DC  P     "O5'"  sing N N 43  
DC  OP2   HOP2   sing N N 44  
DC  "O5'" "C5'"  sing N N 45  
DC  "C5'" "C4'"  sing N N 46  
DC  "C5'" "H5'"  sing N N 47  
DC  "C5'" "H5''" sing N N 48  
DC  "C4'" "O4'"  sing N N 49  
DC  "C4'" "C3'"  sing N N 50  
DC  "C4'" "H4'"  sing N N 51  
DC  "O4'" "C1'"  sing N N 52  
DC  "C3'" "O3'"  sing N N 53  
DC  "C3'" "C2'"  sing N N 54  
DC  "C3'" "H3'"  sing N N 55  
DC  "O3'" "HO3'" sing N N 56  
DC  "C2'" "C1'"  sing N N 57  
DC  "C2'" "H2'"  sing N N 58  
DC  "C2'" "H2''" sing N N 59  
DC  "C1'" N1     sing N N 60  
DC  "C1'" "H1'"  sing N N 61  
DC  N1    C2     sing N N 62  
DC  N1    C6     sing N N 63  
DC  C2    O2     doub N N 64  
DC  C2    N3     sing N N 65  
DC  N3    C4     doub N N 66  
DC  C4    N4     sing N N 67  
DC  C4    C5     sing N N 68  
DC  N4    H41    sing N N 69  
DC  N4    H42    sing N N 70  
DC  C5    C6     doub N N 71  
DC  C5    H5     sing N N 72  
DC  C6    H6     sing N N 73  
DG  OP3   P      sing N N 74  
DG  OP3   HOP3   sing N N 75  
DG  P     OP1    doub N N 76  
DG  P     OP2    sing N N 77  
DG  P     "O5'"  sing N N 78  
DG  OP2   HOP2   sing N N 79  
DG  "O5'" "C5'"  sing N N 80  
DG  "C5'" "C4'"  sing N N 81  
DG  "C5'" "H5'"  sing N N 82  
DG  "C5'" "H5''" sing N N 83  
DG  "C4'" "O4'"  sing N N 84  
DG  "C4'" "C3'"  sing N N 85  
DG  "C4'" "H4'"  sing N N 86  
DG  "O4'" "C1'"  sing N N 87  
DG  "C3'" "O3'"  sing N N 88  
DG  "C3'" "C2'"  sing N N 89  
DG  "C3'" "H3'"  sing N N 90  
DG  "O3'" "HO3'" sing N N 91  
DG  "C2'" "C1'"  sing N N 92  
DG  "C2'" "H2'"  sing N N 93  
DG  "C2'" "H2''" sing N N 94  
DG  "C1'" N9     sing N N 95  
DG  "C1'" "H1'"  sing N N 96  
DG  N9    C8     sing Y N 97  
DG  N9    C4     sing Y N 98  
DG  C8    N7     doub Y N 99  
DG  C8    H8     sing N N 100 
DG  N7    C5     sing Y N 101 
DG  C5    C6     sing N N 102 
DG  C5    C4     doub Y N 103 
DG  C6    O6     doub N N 104 
DG  C6    N1     sing N N 105 
DG  N1    C2     sing N N 106 
DG  N1    H1     sing N N 107 
DG  C2    N2     sing N N 108 
DG  C2    N3     doub N N 109 
DG  N2    H21    sing N N 110 
DG  N2    H22    sing N N 111 
DG  N3    C4     sing N N 112 
DT  OP3   P      sing N N 113 
DT  OP3   HOP3   sing N N 114 
DT  P     OP1    doub N N 115 
DT  P     OP2    sing N N 116 
DT  P     "O5'"  sing N N 117 
DT  OP2   HOP2   sing N N 118 
DT  "O5'" "C5'"  sing N N 119 
DT  "C5'" "C4'"  sing N N 120 
DT  "C5'" "H5'"  sing N N 121 
DT  "C5'" "H5''" sing N N 122 
DT  "C4'" "O4'"  sing N N 123 
DT  "C4'" "C3'"  sing N N 124 
DT  "C4'" "H4'"  sing N N 125 
DT  "O4'" "C1'"  sing N N 126 
DT  "C3'" "O3'"  sing N N 127 
DT  "C3'" "C2'"  sing N N 128 
DT  "C3'" "H3'"  sing N N 129 
DT  "O3'" "HO3'" sing N N 130 
DT  "C2'" "C1'"  sing N N 131 
DT  "C2'" "H2'"  sing N N 132 
DT  "C2'" "H2''" sing N N 133 
DT  "C1'" N1     sing N N 134 
DT  "C1'" "H1'"  sing N N 135 
DT  N1    C2     sing N N 136 
DT  N1    C6     sing N N 137 
DT  C2    O2     doub N N 138 
DT  C2    N3     sing N N 139 
DT  N3    C4     sing N N 140 
DT  N3    H3     sing N N 141 
DT  C4    O4     doub N N 142 
DT  C4    C5     sing N N 143 
DT  C5    C7     sing N N 144 
DT  C5    C6     doub N N 145 
DT  C7    H71    sing N N 146 
DT  C7    H72    sing N N 147 
DT  C7    H73    sing N N 148 
DT  C6    H6     sing N N 149 
HOH O     H1     sing N N 150 
HOH O     H2     sing N N 151 
# 
_ndb_struct_conf_na.entry_id   1ZF8 
_ndb_struct_conf_na.feature    'a-form double helix' 
# 
loop_
_ndb_struct_na_base_pair.model_number 
_ndb_struct_na_base_pair.i_label_asym_id 
_ndb_struct_na_base_pair.i_label_comp_id 
_ndb_struct_na_base_pair.i_label_seq_id 
_ndb_struct_na_base_pair.i_symmetry 
_ndb_struct_na_base_pair.j_label_asym_id 
_ndb_struct_na_base_pair.j_label_comp_id 
_ndb_struct_na_base_pair.j_label_seq_id 
_ndb_struct_na_base_pair.j_symmetry 
_ndb_struct_na_base_pair.shear 
_ndb_struct_na_base_pair.stretch 
_ndb_struct_na_base_pair.stagger 
_ndb_struct_na_base_pair.buckle 
_ndb_struct_na_base_pair.propeller 
_ndb_struct_na_base_pair.opening 
_ndb_struct_na_base_pair.pair_number 
_ndb_struct_na_base_pair.pair_name 
_ndb_struct_na_base_pair.i_auth_asym_id 
_ndb_struct_na_base_pair.i_auth_seq_id 
_ndb_struct_na_base_pair.i_PDB_ins_code 
_ndb_struct_na_base_pair.j_auth_asym_id 
_ndb_struct_na_base_pair.j_auth_seq_id 
_ndb_struct_na_base_pair.j_PDB_ins_code 
_ndb_struct_na_base_pair.hbond_type_28 
_ndb_struct_na_base_pair.hbond_type_12 
1 A DC 1  1_555 B DG 10 1_555 0.141  -0.091 -0.215 12.075  -4.946  -0.284  1  A_DC1:DG20_B  A 1  ? B 20 ? 19 1 
1 A DC 2  1_555 B DG 9  1_555 -0.076 -0.074 0.117  1.124   -10.370 -0.694  2  A_DC2:DG19_B  A 2  ? B 19 ? 19 1 
1 A DA 3  1_555 B DT 8  1_555 0.298  -0.115 0.143  1.617   -7.375  -2.595  3  A_DA3:DT18_B  A 3  ? B 18 ? 20 1 
1 A DC 4  1_555 B DG 7  1_555 0.225  -0.039 0.072  7.284   -8.912  2.727   4  A_DC4:DG17_B  A 4  ? B 17 ? 19 1 
1 A DC 5  1_555 B DG 6  1_555 0.114  -0.102 -0.202 9.585   -10.551 -2.659  5  A_DC5:DG16_B  A 5  ? B 16 ? 19 1 
1 A DG 6  1_555 B DC 5  1_555 -0.209 -0.078 0.306  15.590  -4.761  0.426   6  A_DG6:DC15_B  A 6  ? B 15 ? 19 1 
1 A DG 7  1_555 B DC 4  1_555 -0.223 -0.169 -0.285 -9.780  -18.633 2.061   7  A_DG7:DC14_B  A 7  ? B 14 ? 19 1 
1 A DT 8  1_555 B DA 3  1_555 -0.212 -0.036 0.188  -13.649 -4.918  -4.307  8  A_DT8:DA13_B  A 8  ? B 13 ? 20 1 
1 A DG 9  1_555 B DC 2  1_555 -0.058 -0.066 0.089  -2.471  6.597   1.663   9  A_DG9:DC12_B  A 9  ? B 12 ? 19 1 
1 A DG 10 1_555 B DC 1  1_555 -2.201 -0.977 -0.046 11.052  23.534  -17.849 10 A_DG10:DC11_B A 10 ? B 11 ? ?  1 
# 
loop_
_ndb_struct_na_base_pair_step.model_number 
_ndb_struct_na_base_pair_step.i_label_asym_id_1 
_ndb_struct_na_base_pair_step.i_label_comp_id_1 
_ndb_struct_na_base_pair_step.i_label_seq_id_1 
_ndb_struct_na_base_pair_step.i_symmetry_1 
_ndb_struct_na_base_pair_step.j_label_asym_id_1 
_ndb_struct_na_base_pair_step.j_label_comp_id_1 
_ndb_struct_na_base_pair_step.j_label_seq_id_1 
_ndb_struct_na_base_pair_step.j_symmetry_1 
_ndb_struct_na_base_pair_step.i_label_asym_id_2 
_ndb_struct_na_base_pair_step.i_label_comp_id_2 
_ndb_struct_na_base_pair_step.i_label_seq_id_2 
_ndb_struct_na_base_pair_step.i_symmetry_2 
_ndb_struct_na_base_pair_step.j_label_asym_id_2 
_ndb_struct_na_base_pair_step.j_label_comp_id_2 
_ndb_struct_na_base_pair_step.j_label_seq_id_2 
_ndb_struct_na_base_pair_step.j_symmetry_2 
_ndb_struct_na_base_pair_step.shift 
_ndb_struct_na_base_pair_step.slide 
_ndb_struct_na_base_pair_step.rise 
_ndb_struct_na_base_pair_step.tilt 
_ndb_struct_na_base_pair_step.roll 
_ndb_struct_na_base_pair_step.twist 
_ndb_struct_na_base_pair_step.x_displacement 
_ndb_struct_na_base_pair_step.y_displacement 
_ndb_struct_na_base_pair_step.helical_rise 
_ndb_struct_na_base_pair_step.inclination 
_ndb_struct_na_base_pair_step.tip 
_ndb_struct_na_base_pair_step.helical_twist 
_ndb_struct_na_base_pair_step.step_number 
_ndb_struct_na_base_pair_step.step_name 
_ndb_struct_na_base_pair_step.i_auth_asym_id_1 
_ndb_struct_na_base_pair_step.i_auth_seq_id_1 
_ndb_struct_na_base_pair_step.i_PDB_ins_code_1 
_ndb_struct_na_base_pair_step.j_auth_asym_id_1 
_ndb_struct_na_base_pair_step.j_auth_seq_id_1 
_ndb_struct_na_base_pair_step.j_PDB_ins_code_1 
_ndb_struct_na_base_pair_step.i_auth_asym_id_2 
_ndb_struct_na_base_pair_step.i_auth_seq_id_2 
_ndb_struct_na_base_pair_step.i_PDB_ins_code_2 
_ndb_struct_na_base_pair_step.j_auth_asym_id_2 
_ndb_struct_na_base_pair_step.j_auth_seq_id_2 
_ndb_struct_na_base_pair_step.j_PDB_ins_code_2 
1 A DC 1 1_555 B DG 10 1_555 A DC 2  1_555 B DG 9 1_555 -0.131 -2.107 3.476 -2.959 5.881  34.768 -4.346 -0.226 3.090 9.734  4.898  
35.367 1 AA_DC1DC2:DG19DG20_BB  A 1 ? B 20 ? A 2  ? B 19 ? 
1 A DC 2 1_555 B DG 9  1_555 A DA 3  1_555 B DT 8 1_555 -0.544 -1.489 3.161 -1.386 6.042  31.075 -3.763 0.759  2.849 11.139 2.556  
31.672 2 AA_DC2DA3:DT18DG19_BB  A 2 ? B 19 ? A 3  ? B 18 ? 
1 A DA 3 1_555 B DT 8  1_555 A DC 4  1_555 B DG 7 1_555 0.409  -1.739 3.182 -1.411 -1.970 32.234 -2.781 -0.981 3.259 -3.541 2.538  
32.323 3 AA_DA3DC4:DG17DT18_BB  A 3 ? B 18 ? A 4  ? B 17 ? 
1 A DC 4 1_555 B DG 7  1_555 A DC 5  1_555 B DG 6 1_555 -0.752 -1.869 3.123 0.853  8.954  29.224 -5.093 1.574  2.434 17.238 -1.642 
30.548 4 AA_DC4DC5:DG16DG17_BB  A 4 ? B 17 ? A 5  ? B 16 ? 
1 A DC 5 1_555 B DG 6  1_555 A DG 6  1_555 B DC 5 1_555 -0.840 -1.817 3.020 -6.184 12.646 25.899 -5.828 0.553  2.070 25.920 12.676 
29.420 5 AA_DC5DG6:DC15DG16_BB  A 5 ? B 16 ? A 6  ? B 15 ? 
1 A DG 6 1_555 B DC 5  1_555 A DG 7  1_555 B DC 4 1_555 1.338  -1.921 3.896 5.236  14.330 32.268 -5.449 -1.345 2.980 24.170 -8.831 
35.606 6 AA_DG6DG7:DC14DC15_BB  A 6 ? B 15 ? A 7  ? B 14 ? 
1 A DG 7 1_555 B DC 4  1_555 A DT 8  1_555 B DA 3 1_555 -0.762 -2.347 3.402 -2.560 -1.538 29.944 -4.185 0.909  3.567 -2.968 4.939  
30.089 7 AA_DG7DT8:DA13DC14_BB  A 7 ? B 14 ? A 8  ? B 13 ? 
1 A DT 8 1_555 B DA 3  1_555 A DG 9  1_555 B DC 2 1_555 0.423  -1.369 3.014 5.096  0.823  30.247 -2.737 0.130  3.006 1.562  -9.677 
30.674 8 AA_DT8DG9:DC12DA13_BB  A 8 ? B 13 ? A 9  ? B 12 ? 
1 A DG 9 1_555 B DC 2  1_555 A DG 10 1_555 B DC 1 1_555 -1.371 -1.222 3.203 2.189  6.647  18.999 -6.185 4.792  2.465 19.310 -6.359 
20.236 9 AA_DG9DG10:DC11DC12_BB A 9 ? B 12 ? A 10 ? B 11 ? 
# 
_pdbx_initial_refinement_model.accession_code   1EVP 
_pdbx_initial_refinement_model.id               1 
_pdbx_initial_refinement_model.entity_id_list   ? 
_pdbx_initial_refinement_model.type             'experimental model' 
_pdbx_initial_refinement_model.source_name      PDB 
_pdbx_initial_refinement_model.details          'ndb entry AH0011' 
# 
_atom_sites.entry_id                    1ZF8 
_atom_sites.fract_transf_matrix[1][1]   0.00096676 
_atom_sites.fract_transf_matrix[1][2]   0.03996174 
_atom_sites.fract_transf_matrix[1][3]   0.01311523 
_atom_sites.fract_transf_matrix[2][1]   -0.02148402 
_atom_sites.fract_transf_matrix[2][2]   0.00232320 
_atom_sites.fract_transf_matrix[2][3]   -0.00549508 
_atom_sites.fract_transf_matrix[3][1]   -0.00537348 
_atom_sites.fract_transf_matrix[3][2]   -0.00594062 
_atom_sites.fract_transf_matrix[3][3]   0.01849701 
_atom_sites.fract_transf_vector[1]      0.115859 
_atom_sites.fract_transf_vector[2]      -0.015897 
_atom_sites.fract_transf_vector[3]      0.207154 
# 
loop_
_atom_type.symbol 
C  
CA 
N  
O  
P  
# 
loop_
_atom_site.group_PDB 
_atom_site.id 
_atom_site.type_symbol 
_atom_site.label_atom_id 
_atom_site.label_alt_id 
_atom_site.label_comp_id 
_atom_site.label_asym_id 
_atom_site.label_entity_id 
_atom_site.label_seq_id 
_atom_site.pdbx_PDB_ins_code 
_atom_site.Cartn_x 
_atom_site.Cartn_y 
_atom_site.Cartn_z 
_atom_site.occupancy 
_atom_site.B_iso_or_equiv 
_atom_site.pdbx_formal_charge 
_atom_site.auth_seq_id 
_atom_site.auth_comp_id 
_atom_site.auth_asym_id 
_atom_site.auth_atom_id 
_atom_site.pdbx_PDB_model_num 
ATOM   1   O  "O5'" . DC  A 1 1  ? -7.699  -5.434  -8.427  1.00 7.99  ? 1   DC  A "O5'" 1 
ATOM   2   C  "C5'" . DC  A 1 1  ? -8.721  -4.900  -9.315  1.00 1.00  ? 1   DC  A "C5'" 1 
ATOM   3   C  "C4'" . DC  A 1 1  ? -9.922  -4.319  -8.608  1.00 1.18  ? 1   DC  A "C4'" 1 
ATOM   4   O  "O4'" . DC  A 1 1  ? -10.686 -5.435  -8.092  1.00 2.83  ? 1   DC  A "O4'" 1 
ATOM   5   C  "C3'" . DC  A 1 1  ? -9.648  -3.399  -7.413  1.00 4.17  ? 1   DC  A "C3'" 1 
ATOM   6   O  "O3'" . DC  A 1 1  ? -9.737  -1.999  -7.653  1.00 1.40  ? 1   DC  A "O3'" 1 
ATOM   7   C  "C2'" . DC  A 1 1  ? -10.701 -3.766  -6.392  1.00 3.24  ? 1   DC  A "C2'" 1 
ATOM   8   C  "C1'" . DC  A 1 1  ? -11.175 -5.154  -6.777  1.00 2.44  ? 1   DC  A "C1'" 1 
ATOM   9   N  N1    . DC  A 1 1  ? -10.538 -6.075  -5.809  1.00 4.69  ? 1   DC  A N1    1 
ATOM   10  C  C2    . DC  A 1 1  ? -11.125 -6.175  -4.567  1.00 1.00  ? 1   DC  A C2    1 
ATOM   11  O  O2    . DC  A 1 1  ? -12.120 -5.461  -4.348  1.00 1.00  ? 1   DC  A O2    1 
ATOM   12  N  N3    . DC  A 1 1  ? -10.578 -7.015  -3.615  1.00 1.00  ? 1   DC  A N3    1 
ATOM   13  C  C4    . DC  A 1 1  ? -9.447  -7.681  -3.882  1.00 2.45  ? 1   DC  A C4    1 
ATOM   14  N  N4    . DC  A 1 1  ? -8.935  -8.485  -2.924  1.00 1.04  ? 1   DC  A N4    1 
ATOM   15  C  C5    . DC  A 1 1  ? -8.800  -7.568  -5.155  1.00 2.32  ? 1   DC  A C5    1 
ATOM   16  C  C6    . DC  A 1 1  ? -9.384  -6.773  -6.085  1.00 6.02  ? 1   DC  A C6    1 
ATOM   17  P  P     . DC  A 1 2  ? -8.973  -1.028  -6.673  1.00 5.14  ? 2   DC  A P     1 
ATOM   18  O  OP1   . DC  A 1 2  ? -8.965  0.339   -7.326  1.00 7.53  ? 2   DC  A OP1   1 
ATOM   19  O  OP2   . DC  A 1 2  ? -7.695  -1.623  -6.176  1.00 4.43  ? 2   DC  A OP2   1 
ATOM   20  O  "O5'" . DC  A 1 2  ? -9.914  -0.989  -5.366  1.00 1.61  ? 2   DC  A "O5'" 1 
ATOM   21  C  "C5'" . DC  A 1 2  ? -11.241 -0.499  -5.489  1.00 4.27  ? 2   DC  A "C5'" 1 
ATOM   22  C  "C4'" . DC  A 1 2  ? -11.868 -0.346  -4.124  1.00 9.35  ? 2   DC  A "C4'" 1 
ATOM   23  O  "O4'" . DC  A 1 2  ? -12.085 -1.684  -3.647  1.00 1.00  ? 2   DC  A "O4'" 1 
ATOM   24  C  "C3'" . DC  A 1 2  ? -10.937 0.285   -3.100  1.00 1.00  ? 2   DC  A "C3'" 1 
ATOM   25  O  "O3'" . DC  A 1 2  ? -11.145 1.663   -2.936  1.00 7.73  ? 2   DC  A "O3'" 1 
ATOM   26  C  "C2'" . DC  A 1 2  ? -11.267 -0.420  -1.797  1.00 8.04  ? 2   DC  A "C2'" 1 
ATOM   27  C  "C1'" . DC  A 1 2  ? -11.856 -1.761  -2.243  1.00 1.00  ? 2   DC  A "C1'" 1 
ATOM   28  N  N1    . DC  A 1 2  ? -10.801 -2.753  -2.017  1.00 2.20  ? 2   DC  A N1    1 
ATOM   29  C  C2    . DC  A 1 2  ? -10.655 -3.263  -0.697  1.00 2.56  ? 2   DC  A C2    1 
ATOM   30  O  O2    . DC  A 1 2  ? -11.438 -2.840  0.186   1.00 1.37  ? 2   DC  A O2    1 
ATOM   31  N  N3    . DC  A 1 2  ? -9.679  -4.172  -0.436  1.00 1.00  ? 2   DC  A N3    1 
ATOM   32  C  C4    . DC  A 1 2  ? -8.845  -4.566  -1.427  1.00 1.00  ? 2   DC  A C4    1 
ATOM   33  N  N4    . DC  A 1 2  ? -7.884  -5.483  -1.114  1.00 1.62  ? 2   DC  A N4    1 
ATOM   34  C  C5    . DC  A 1 2  ? -8.954  -4.053  -2.769  1.00 1.00  ? 2   DC  A C5    1 
ATOM   35  C  C6    . DC  A 1 2  ? -9.949  -3.165  -3.027  1.00 1.00  ? 2   DC  A C6    1 
ATOM   36  P  P     . DA  A 1 3  ? -9.931  2.541   -2.404  1.00 12.09 ? 3   DA  A P     1 
ATOM   37  O  OP1   . DA  A 1 3  ? -10.197 3.967   -2.663  1.00 16.31 ? 3   DA  A OP1   1 
ATOM   38  O  OP2   . DA  A 1 3  ? -8.675  1.928   -2.880  1.00 13.87 ? 3   DA  A OP2   1 
ATOM   39  O  "O5'" . DA  A 1 3  ? -9.961  2.386   -0.838  1.00 4.61  ? 3   DA  A "O5'" 1 
ATOM   40  C  "C5'" . DA  A 1 3  ? -11.072 2.845   -0.109  1.00 6.26  ? 3   DA  A "C5'" 1 
ATOM   41  C  "C4'" . DA  A 1 3  ? -10.958 2.413   1.328   1.00 10.82 ? 3   DA  A "C4'" 1 
ATOM   42  O  "O4'" . DA  A 1 3  ? -10.988 0.956   1.311   1.00 5.15  ? 3   DA  A "O4'" 1 
ATOM   43  C  "C3'" . DA  A 1 3  ? -9.612  2.762   1.954   1.00 3.28  ? 3   DA  A "C3'" 1 
ATOM   44  O  "O3'" . DA  A 1 3  ? -9.588  3.991   2.674   1.00 6.08  ? 3   DA  A "O3'" 1 
ATOM   45  C  "C2'" . DA  A 1 3  ? -9.395  1.623   2.923   1.00 8.16  ? 3   DA  A "C2'" 1 
ATOM   46  C  "C1'" . DA  A 1 3  ? -10.173 0.459   2.364   1.00 11.26 ? 3   DA  A "C1'" 1 
ATOM   47  N  N9    . DA  A 1 3  ? -9.189  -0.474  1.801   1.00 5.40  ? 3   DA  A N9    1 
ATOM   48  C  C8    . DA  A 1 3  ? -8.772  -0.599  0.499   1.00 7.32  ? 3   DA  A C8    1 
ATOM   49  N  N7    . DA  A 1 3  ? -7.845  -1.509  0.324   1.00 2.46  ? 3   DA  A N7    1 
ATOM   50  C  C5    . DA  A 1 3  ? -7.646  -2.042  1.601   1.00 1.10  ? 3   DA  A C5    1 
ATOM   51  C  C6    . DA  A 1 3  ? -6.798  -3.090  2.119   1.00 9.58  ? 3   DA  A C6    1 
ATOM   52  N  N6    . DA  A 1 3  ? -6.005  -3.876  1.375   1.00 1.00  ? 3   DA  A N6    1 
ATOM   53  N  N1    . DA  A 1 3  ? -6.823  -3.312  3.459   1.00 1.00  ? 3   DA  A N1    1 
ATOM   54  C  C2    . DA  A 1 3  ? -7.658  -2.592  4.209   1.00 1.00  ? 3   DA  A C2    1 
ATOM   55  N  N3    . DA  A 1 3  ? -8.509  -1.622  3.845   1.00 1.00  ? 3   DA  A N3    1 
ATOM   56  C  C4    . DA  A 1 3  ? -8.454  -1.393  2.523   1.00 2.62  ? 3   DA  A C4    1 
ATOM   57  P  P     . DC  A 1 4  ? -8.163  4.656   3.020   1.00 2.65  ? 4   DC  A P     1 
ATOM   58  O  OP1   . DC  A 1 4  ? -8.409  6.074   3.451   1.00 10.33 ? 4   DC  A OP1   1 
ATOM   59  O  OP2   . DC  A 1 4  ? -7.247  4.412   1.869   1.00 9.47  ? 4   DC  A OP2   1 
ATOM   60  O  "O5'" . DC  A 1 4  ? -7.602  3.877   4.275   1.00 1.00  ? 4   DC  A "O5'" 1 
ATOM   61  C  "C5'" . DC  A 1 4  ? -8.315  3.868   5.488   1.00 3.09  ? 4   DC  A "C5'" 1 
ATOM   62  C  "C4'" . DC  A 1 4  ? -7.682  2.911   6.466   1.00 6.70  ? 4   DC  A "C4'" 1 
ATOM   63  O  "O4'" . DC  A 1 4  ? -7.777  1.568   5.880   1.00 2.77  ? 4   DC  A "O4'" 1 
ATOM   64  C  "C3'" . DC  A 1 4  ? -6.184  3.113   6.653   1.00 7.19  ? 4   DC  A "C3'" 1 
ATOM   65  O  "O3'" . DC  A 1 4  ? -5.833  4.112   7.615   1.00 15.42 ? 4   DC  A "O3'" 1 
ATOM   66  C  "C2'" . DC  A 1 4  ? -5.734  1.716   7.057   1.00 1.05  ? 4   DC  A "C2'" 1 
ATOM   67  C  "C1'" . DC  A 1 4  ? -6.653  0.781   6.240   1.00 1.00  ? 4   DC  A "C1'" 1 
ATOM   68  N  N1    . DC  A 1 4  ? -5.950  0.299   5.002   1.00 3.03  ? 4   DC  A N1    1 
ATOM   69  C  C2    . DC  A 1 4  ? -5.064  -0.784  5.132   1.00 1.00  ? 4   DC  A C2    1 
ATOM   70  O  O2    . DC  A 1 4  ? -4.915  -1.276  6.254   1.00 1.00  ? 4   DC  A O2    1 
ATOM   71  N  N3    . DC  A 1 4  ? -4.385  -1.243  4.004   1.00 3.48  ? 4   DC  A N3    1 
ATOM   72  C  C4    . DC  A 1 4  ? -4.581  -0.662  2.835   1.00 1.00  ? 4   DC  A C4    1 
ATOM   73  N  N4    . DC  A 1 4  ? -3.914  -1.142  1.736   1.00 2.08  ? 4   DC  A N4    1 
ATOM   74  C  C5    . DC  A 1 4  ? -5.477  0.445   2.688   1.00 2.24  ? 4   DC  A C5    1 
ATOM   75  C  C6    . DC  A 1 4  ? -6.131  0.881   3.784   1.00 1.09  ? 4   DC  A C6    1 
ATOM   76  P  P     . DC  A 1 5  ? -4.400  4.880   7.472   1.00 12.38 ? 5   DC  A P     1 
ATOM   77  O  OP1   . DC  A 1 5  ? -4.407  6.068   8.385   1.00 16.18 ? 5   DC  A OP1   1 
ATOM   78  O  OP2   . DC  A 1 5  ? -3.982  5.056   6.070   1.00 13.10 ? 5   DC  A OP2   1 
ATOM   79  O  "O5'" . DC  A 1 5  ? -3.433  3.805   8.132   1.00 16.04 ? 5   DC  A "O5'" 1 
ATOM   80  C  "C5'" . DC  A 1 5  ? -3.818  3.117   9.317   1.00 5.14  ? 5   DC  A "C5'" 1 
ATOM   81  C  "C4'" . DC  A 1 5  ? -2.681  2.249   9.792   1.00 7.35  ? 5   DC  A "C4'" 1 
ATOM   82  O  "O4'" . DC  A 1 5  ? -2.730  0.998   9.078   1.00 13.04 ? 5   DC  A "O4'" 1 
ATOM   83  C  "C3'" . DC  A 1 5  ? -1.372  2.904   9.384   1.00 15.69 ? 5   DC  A "C3'" 1 
ATOM   84  O  "O3'" . DC  A 1 5  ? -0.606  3.439   10.411  1.00 6.62  ? 5   DC  A "O3'" 1 
ATOM   85  C  "C2'" . DC  A 1 5  ? -0.531  1.813   8.771   1.00 13.01 ? 5   DC  A "C2'" 1 
ATOM   86  C  "C1'" . DC  A 1 5  ? -1.419  0.608   8.667   1.00 11.68 ? 5   DC  A "C1'" 1 
ATOM   87  N  N1    . DC  A 1 5  ? -1.420  0.372   7.221   1.00 5.48  ? 5   DC  A N1    1 
ATOM   88  C  C2    . DC  A 1 5  ? -0.634  -0.661  6.738   1.00 1.00  ? 5   DC  A C2    1 
ATOM   89  O  O2    . DC  A 1 5  ? -0.059  -1.397  7.545   1.00 7.39  ? 5   DC  A O2    1 
ATOM   90  N  N3    . DC  A 1 5  ? -0.506  -0.817  5.410   1.00 1.00  ? 5   DC  A N3    1 
ATOM   91  C  C4    . DC  A 1 5  ? -1.129  0.009   4.569   1.00 1.00  ? 5   DC  A C4    1 
ATOM   92  N  N4    . DC  A 1 5  ? -0.912  -0.126  3.260   1.00 1.00  ? 5   DC  A N4    1 
ATOM   93  C  C5    . DC  A 1 5  ? -1.990  1.036   5.030   1.00 3.19  ? 5   DC  A C5    1 
ATOM   94  C  C6    . DC  A 1 5  ? -2.111  1.178   6.358   1.00 2.13  ? 5   DC  A C6    1 
ATOM   95  P  P     . DG  A 1 6  ? 0.534   4.457   10.012  1.00 10.38 ? 6   DG  A P     1 
ATOM   96  O  OP1   . DG  A 1 6  ? 0.655   5.346   11.199  1.00 16.81 ? 6   DG  A OP1   1 
ATOM   97  O  OP2   . DG  A 1 6  ? 0.203   5.038   8.694   1.00 17.67 ? 6   DG  A OP2   1 
ATOM   98  O  "O5'" . DG  A 1 6  ? 1.833   3.552   9.841   1.00 9.40  ? 6   DG  A "O5'" 1 
ATOM   99  C  "C5'" . DG  A 1 6  ? 2.270   2.740   10.914  1.00 6.81  ? 6   DG  A "C5'" 1 
ATOM   100 C  "C4'" . DG  A 1 6  ? 3.595   2.089   10.592  1.00 11.59 ? 6   DG  A "C4'" 1 
ATOM   101 O  "O4'" . DG  A 1 6  ? 3.270   0.898   9.839   1.00 9.80  ? 6   DG  A "O4'" 1 
ATOM   102 C  "C3'" . DG  A 1 6  ? 4.535   2.899   9.692   1.00 9.64  ? 6   DG  A "C3'" 1 
ATOM   103 O  "O3'" . DG  A 1 6  ? 5.543   3.694   10.341  1.00 14.20 ? 6   DG  A "O3'" 1 
ATOM   104 C  "C2'" . DG  A 1 6  ? 5.213   1.829   8.862   1.00 10.84 ? 6   DG  A "C2'" 1 
ATOM   105 C  "C1'" . DG  A 1 6  ? 4.258   0.658   8.852   1.00 4.93  ? 6   DG  A "C1'" 1 
ATOM   106 N  N9    . DG  A 1 6  ? 3.628   0.710   7.545   1.00 3.50  ? 6   DG  A N9    1 
ATOM   107 C  C8    . DG  A 1 6  ? 2.551   1.453   7.157   1.00 3.91  ? 6   DG  A C8    1 
ATOM   108 N  N7    . DG  A 1 6  ? 2.276   1.329   5.881   1.00 4.39  ? 6   DG  A N7    1 
ATOM   109 C  C5    . DG  A 1 6  ? 3.239   0.453   5.407   1.00 1.18  ? 6   DG  A C5    1 
ATOM   110 C  C6    . DG  A 1 6  ? 3.443   -0.088  4.098   1.00 2.39  ? 6   DG  A C6    1 
ATOM   111 O  O6    . DG  A 1 6  ? 2.814   0.141   3.077   1.00 1.00  ? 6   DG  A O6    1 
ATOM   112 N  N1    . DG  A 1 6  ? 4.525   -0.958  4.069   1.00 1.86  ? 6   DG  A N1    1 
ATOM   113 C  C2    . DG  A 1 6  ? 5.334   -1.232  5.132   1.00 1.48  ? 6   DG  A C2    1 
ATOM   114 N  N2    . DG  A 1 6  ? 6.390   -2.019  4.887   1.00 1.00  ? 6   DG  A N2    1 
ATOM   115 N  N3    . DG  A 1 6  ? 5.138   -0.763  6.346   1.00 1.55  ? 6   DG  A N3    1 
ATOM   116 C  C4    . DG  A 1 6  ? 4.082   0.059   6.417   1.00 1.00  ? 6   DG  A C4    1 
ATOM   117 P  P     . DG  A 1 7  ? 6.056   5.033   9.602   1.00 12.35 ? 7   DG  A P     1 
ATOM   118 O  OP1   . DG  A 1 7  ? 7.040   5.635   10.535  1.00 24.28 ? 7   DG  A OP1   1 
ATOM   119 O  OP2   . DG  A 1 7  ? 5.001   5.857   9.021   1.00 9.26  ? 7   DG  A OP2   1 
ATOM   120 O  "O5'" . DG  A 1 7  ? 6.828   4.470   8.340   1.00 12.87 ? 7   DG  A "O5'" 1 
ATOM   121 C  "C5'" . DG  A 1 7  ? 7.975   3.716   8.543   1.00 9.50  ? 7   DG  A "C5'" 1 
ATOM   122 C  "C4'" . DG  A 1 7  ? 8.449   3.094   7.252   1.00 5.78  ? 7   DG  A "C4'" 1 
ATOM   123 O  "O4'" . DG  A 1 7  ? 7.417   2.212   6.747   1.00 1.00  ? 7   DG  A "O4'" 1 
ATOM   124 C  "C3'" . DG  A 1 7  ? 8.695   3.994   6.057   1.00 1.00  ? 7   DG  A "C3'" 1 
ATOM   125 O  "O3'" . DG  A 1 7  ? 9.940   4.642   6.094   1.00 2.62  ? 7   DG  A "O3'" 1 
ATOM   126 C  "C2'" . DG  A 1 7  ? 8.693   2.977   4.917   1.00 1.00  ? 7   DG  A "C2'" 1 
ATOM   127 C  "C1'" . DG  A 1 7  ? 7.650   1.964   5.350   1.00 3.40  ? 7   DG  A "C1'" 1 
ATOM   128 N  N9    . DG  A 1 7  ? 6.445   2.315   4.596   1.00 1.00  ? 7   DG  A N9    1 
ATOM   129 C  C8    . DG  A 1 7  ? 5.333   3.006   5.005   1.00 1.74  ? 7   DG  A C8    1 
ATOM   130 N  N7    . DG  A 1 7  ? 4.498   3.246   4.032   1.00 1.91  ? 7   DG  A N7    1 
ATOM   131 C  C5    . DG  A 1 7  ? 5.068   2.634   2.925   1.00 1.00  ? 7   DG  A C5    1 
ATOM   132 C  C6    . DG  A 1 7  ? 4.636   2.576   1.561   1.00 1.00  ? 7   DG  A C6    1 
ATOM   133 O  O6    . DG  A 1 7  ? 3.603   3.024   1.062   1.00 2.09  ? 7   DG  A O6    1 
ATOM   134 N  N1    . DG  A 1 7  ? 5.565   1.916   0.758   1.00 1.00  ? 7   DG  A N1    1 
ATOM   135 C  C2    . DG  A 1 7  ? 6.727   1.390   1.195   1.00 1.00  ? 7   DG  A C2    1 
ATOM   136 N  N2    . DG  A 1 7  ? 7.497   0.767   0.247   1.00 1.00  ? 7   DG  A N2    1 
ATOM   137 N  N3    . DG  A 1 7  ? 7.140   1.440   2.462   1.00 1.65  ? 7   DG  A N3    1 
ATOM   138 C  C4    . DG  A 1 7  ? 6.266   2.066   3.255   1.00 1.00  ? 7   DG  A C4    1 
ATOM   139 P  P     . DT  A 1 8  ? 10.171  5.940   5.167   1.00 3.69  ? 8   DT  A P     1 
ATOM   140 O  OP1   . DT  A 1 8  ? 11.416  6.548   5.657   1.00 3.05  ? 8   DT  A OP1   1 
ATOM   141 O  OP2   . DT  A 1 8  ? 9.021   6.718   4.996   1.00 1.00  ? 8   DT  A OP2   1 
ATOM   142 O  "O5'" . DT  A 1 8  ? 10.442  5.309   3.741   1.00 3.83  ? 8   DT  A "O5'" 1 
ATOM   143 C  "C5'" . DT  A 1 8  ? 11.549  4.461   3.574   1.00 1.00  ? 8   DT  A "C5'" 1 
ATOM   144 C  "C4'" . DT  A 1 8  ? 11.763  4.128   2.121   1.00 4.54  ? 8   DT  A "C4'" 1 
ATOM   145 O  "O4'" . DT  A 1 8  ? 10.692  3.256   1.708   1.00 1.00  ? 8   DT  A "O4'" 1 
ATOM   146 C  "C3'" . DT  A 1 8  ? 11.713  5.267   1.106   1.00 1.00  ? 8   DT  A "C3'" 1 
ATOM   147 O  "O3'" . DT  A 1 8  ? 13.000  5.810   0.904   1.00 1.00  ? 8   DT  A "O3'" 1 
ATOM   148 C  "C2'" . DT  A 1 8  ? 11.313  4.513   -0.151  1.00 1.00  ? 8   DT  A "C2'" 1 
ATOM   149 C  "C1'" . DT  A 1 8  ? 10.417  3.408   0.326   1.00 3.40  ? 8   DT  A "C1'" 1 
ATOM   150 N  N1    . DT  A 1 8  ? 9.032   3.905   0.178   1.00 1.00  ? 8   DT  A N1    1 
ATOM   151 C  C2    . DT  A 1 8  ? 8.486   3.894   -1.092  1.00 1.13  ? 8   DT  A C2    1 
ATOM   152 O  O2    . DT  A 1 8  ? 9.050   3.411   -2.018  1.00 1.00  ? 8   DT  A O2    1 
ATOM   153 N  N3    . DT  A 1 8  ? 7.256   4.474   -1.204  1.00 1.00  ? 8   DT  A N3    1 
ATOM   154 C  C4    . DT  A 1 8  ? 6.533   5.081   -0.200  1.00 2.11  ? 8   DT  A C4    1 
ATOM   155 O  O4    . DT  A 1 8  ? 5.461   5.696   -0.458  1.00 4.31  ? 8   DT  A O4    1 
ATOM   156 C  C5    . DT  A 1 8  ? 7.128   4.994   1.101   1.00 1.00  ? 8   DT  A C5    1 
ATOM   157 C  C7    . DT  A 1 8  ? 6.411   5.614   2.263   1.00 5.65  ? 8   DT  A C7    1 
ATOM   158 C  C6    . DT  A 1 8  ? 8.321   4.394   1.235   1.00 1.73  ? 8   DT  A C6    1 
ATOM   159 P  P     . DG  A 1 9  ? 13.149  7.349   0.402   1.00 1.00  ? 9   DG  A P     1 
ATOM   160 O  OP1   . DG  A 1 9  ? 14.587  7.667   0.694   1.00 1.89  ? 9   DG  A OP1   1 
ATOM   161 O  OP2   . DG  A 1 9  ? 12.091  8.246   0.906   1.00 1.00  ? 9   DG  A OP2   1 
ATOM   162 O  "O5'" . DG  A 1 9  ? 12.939  7.187   -1.162  1.00 1.00  ? 9   DG  A "O5'" 1 
ATOM   163 C  "C5'" . DG  A 1 9  ? 13.808  6.367   -1.905  1.00 4.05  ? 9   DG  A "C5'" 1 
ATOM   164 C  "C4'" . DG  A 1 9  ? 13.322  6.230   -3.329  1.00 1.00  ? 9   DG  A "C4'" 1 
ATOM   165 O  "O4'" . DG  A 1 9  ? 12.025  5.573   -3.302  1.00 1.00  ? 9   DG  A "O4'" 1 
ATOM   166 C  "C3'" . DG  A 1 9  ? 13.070  7.560   -4.023  1.00 2.08  ? 9   DG  A "C3'" 1 
ATOM   167 O  "O3'" . DG  A 1 9  ? 14.221  7.953   -4.707  1.00 1.00  ? 9   DG  A "O3'" 1 
ATOM   168 C  "C2'" . DG  A 1 9  ? 11.935  7.247   -4.983  1.00 1.60  ? 9   DG  A "C2'" 1 
ATOM   169 C  "C1'" . DG  A 1 9  ? 11.172  6.134   -4.315  1.00 1.00  ? 9   DG  A "C1'" 1 
ATOM   170 N  N9    . DG  A 1 9  ? 9.982   6.693   -3.673  1.00 3.83  ? 9   DG  A N9    1 
ATOM   171 C  C8    . DG  A 1 9  ? 9.851   7.071   -2.359  1.00 2.77  ? 9   DG  A C8    1 
ATOM   172 N  N7    . DG  A 1 9  ? 8.645   7.519   -2.072  1.00 4.25  ? 9   DG  A N7    1 
ATOM   173 C  C5    . DG  A 1 9  ? 7.941   7.434   -3.271  1.00 1.05  ? 9   DG  A C5    1 
ATOM   174 C  C6    . DG  A 1 9  ? 6.576   7.729   -3.571  1.00 7.15  ? 9   DG  A C6    1 
ATOM   175 O  O6    . DG  A 1 9  ? 5.725   8.131   -2.819  1.00 2.58  ? 9   DG  A O6    1 
ATOM   176 N  N1    . DG  A 1 9  ? 6.261   7.461   -4.915  1.00 1.28  ? 9   DG  A N1    1 
ATOM   177 C  C2    . DG  A 1 9  ? 7.137   6.972   -5.832  1.00 1.00  ? 9   DG  A C2    1 
ATOM   178 N  N2    . DG  A 1 9  ? 6.642   6.722   -7.087  1.00 6.20  ? 9   DG  A N2    1 
ATOM   179 N  N3    . DG  A 1 9  ? 8.420   6.722   -5.569  1.00 1.93  ? 9   DG  A N3    1 
ATOM   180 C  C4    . DG  A 1 9  ? 8.743   6.952   -4.280  1.00 1.00  ? 9   DG  A C4    1 
ATOM   181 P  P     . DG  A 1 10 ? 14.382  9.476   -5.203  1.00 1.00  ? 10  DG  A P     1 
ATOM   182 O  OP1   . DG  A 1 10 ? 15.805  9.704   -5.432  1.00 1.00  ? 10  DG  A OP1   1 
ATOM   183 O  OP2   . DG  A 1 10 ? 13.584  10.438  -4.346  1.00 1.00  ? 10  DG  A OP2   1 
ATOM   184 O  "O5'" . DG  A 1 10 ? 13.626  9.510   -6.607  1.00 1.00  ? 10  DG  A "O5'" 1 
ATOM   185 C  "C5'" . DG  A 1 10 ? 13.929  8.585   -7.659  1.00 1.76  ? 10  DG  A "C5'" 1 
ATOM   186 C  "C4'" . DG  A 1 10 ? 13.055  8.894   -8.857  1.00 1.00  ? 10  DG  A "C4'" 1 
ATOM   187 O  "O4'" . DG  A 1 10 ? 11.670  8.660   -8.491  1.00 1.00  ? 10  DG  A "O4'" 1 
ATOM   188 C  "C3'" . DG  A 1 10 ? 13.143  10.352  -9.343  1.00 1.00  ? 10  DG  A "C3'" 1 
ATOM   189 O  "O3'" . DG  A 1 10 ? 13.191  10.519  -10.833 1.00 1.00  ? 10  DG  A "O3'" 1 
ATOM   190 C  "C2'" . DG  A 1 10 ? 11.858  10.985  -8.811  1.00 1.00  ? 10  DG  A "C2'" 1 
ATOM   191 C  "C1'" . DG  A 1 10 ? 10.902  9.811   -8.897  1.00 6.39  ? 10  DG  A "C1'" 1 
ATOM   192 N  N9    . DG  A 1 10 ? 9.744   9.930   -8.033  1.00 14.26 ? 10  DG  A N9    1 
ATOM   193 C  C8    . DG  A 1 10 ? 9.762   9.958   -6.674  1.00 12.26 ? 10  DG  A C8    1 
ATOM   194 N  N7    . DG  A 1 10 ? 8.576   10.094  -6.148  1.00 4.80  ? 10  DG  A N7    1 
ATOM   195 C  C5    . DG  A 1 10 ? 7.713   10.137  -7.231  1.00 16.35 ? 10  DG  A C5    1 
ATOM   196 C  C6    . DG  A 1 10 ? 6.317   10.253  -7.251  1.00 1.00  ? 10  DG  A C6    1 
ATOM   197 O  O6    . DG  A 1 10 ? 5.565   10.297  -6.302  1.00 16.27 ? 10  DG  A O6    1 
ATOM   198 N  N1    . DG  A 1 10 ? 5.811   10.298  -8.562  1.00 7.17  ? 10  DG  A N1    1 
ATOM   199 C  C2    . DG  A 1 10 ? 6.587   10.243  -9.698  1.00 13.96 ? 10  DG  A C2    1 
ATOM   200 N  N2    . DG  A 1 10 ? 5.949   10.352  -10.869 1.00 24.48 ? 10  DG  A N2    1 
ATOM   201 N  N3    . DG  A 1 10 ? 7.914   10.104  -9.681  1.00 16.58 ? 10  DG  A N3    1 
ATOM   202 C  C4    . DG  A 1 10 ? 8.399   10.055  -8.409  1.00 5.77  ? 10  DG  A C4    1 
ATOM   203 O  "O5'" . DC  B 1 1  ? -1.776  13.727  -6.272  1.00 19.67 ? 11  DC  B "O5'" 1 
ATOM   204 C  "C5'" . DC  B 1 1  ? -2.206  13.965  -7.585  1.00 10.47 ? 11  DC  B "C5'" 1 
ATOM   205 C  "C4'" . DC  B 1 1  ? -1.581  12.971  -8.534  1.00 7.77  ? 11  DC  B "C4'" 1 
ATOM   206 O  "O4'" . DC  B 1 1  ? -0.140  12.992  -8.386  1.00 9.61  ? 11  DC  B "O4'" 1 
ATOM   207 C  "C3'" . DC  B 1 1  ? -2.038  11.546  -8.251  1.00 12.89 ? 11  DC  B "C3'" 1 
ATOM   208 O  "O3'" . DC  B 1 1  ? -2.481  10.927  -9.434  1.00 15.42 ? 11  DC  B "O3'" 1 
ATOM   209 C  "C2'" . DC  B 1 1  ? -0.815  10.858  -7.669  1.00 13.55 ? 11  DC  B "C2'" 1 
ATOM   210 C  "C1'" . DC  B 1 1  ? 0.366   11.679  -8.147  1.00 6.37  ? 11  DC  B "C1'" 1 
ATOM   211 N  N1    . DC  B 1 1  ? 1.349   11.788  -7.070  1.00 3.69  ? 11  DC  B N1    1 
ATOM   212 C  C2    . DC  B 1 1  ? 2.642   11.258  -7.226  1.00 1.00  ? 11  DC  B C2    1 
ATOM   213 O  O2    . DC  B 1 1  ? 2.949   10.704  -8.276  1.00 3.96  ? 11  DC  B O2    1 
ATOM   214 N  N3    . DC  B 1 1  ? 3.535   11.368  -6.205  1.00 5.14  ? 11  DC  B N3    1 
ATOM   215 C  C4    . DC  B 1 1  ? 3.174   11.990  -5.084  1.00 3.07  ? 11  DC  B C4    1 
ATOM   216 N  N4    . DC  B 1 1  ? 4.074   12.075  -4.095  1.00 9.88  ? 11  DC  B N4    1 
ATOM   217 C  C5    . DC  B 1 1  ? 1.868   12.547  -4.915  1.00 2.72  ? 11  DC  B C5    1 
ATOM   218 C  C6    . DC  B 1 1  ? 0.994   12.411  -5.915  1.00 1.00  ? 11  DC  B C6    1 
ATOM   219 P  P     . DC  B 1 2  ? -3.144  9.471   -9.366  1.00 16.95 ? 12  DC  B P     1 
ATOM   220 O  OP1   . DC  B 1 2  ? -4.004  9.332   -10.572 1.00 21.95 ? 12  DC  B OP1   1 
ATOM   221 O  OP2   . DC  B 1 2  ? -3.712  9.186   -8.022  1.00 17.79 ? 12  DC  B OP2   1 
ATOM   222 O  "O5'" . DC  B 1 2  ? -1.875  8.523   -9.562  1.00 12.43 ? 12  DC  B "O5'" 1 
ATOM   223 C  "C5'" . DC  B 1 2  ? -1.035  8.640   -10.719 1.00 2.94  ? 12  DC  B "C5'" 1 
ATOM   224 C  "C4'" . DC  B 1 2  ? 0.108   7.644   -10.650 1.00 15.16 ? 12  DC  B "C4'" 1 
ATOM   225 O  "O4'" . DC  B 1 2  ? 1.147   8.101   -9.746  1.00 14.31 ? 12  DC  B "O4'" 1 
ATOM   226 C  "C3'" . DC  B 1 2  ? -0.306  6.247   -10.159 1.00 17.79 ? 12  DC  B "C3'" 1 
ATOM   227 O  "O3'" . DC  B 1 2  ? 0.238   5.190   -10.954 1.00 22.06 ? 12  DC  B "O3'" 1 
ATOM   228 C  "C2'" . DC  B 1 2  ? 0.273   6.157   -8.762  1.00 17.89 ? 12  DC  B "C2'" 1 
ATOM   229 C  "C1'" . DC  B 1 2  ? 1.507   7.032   -8.865  1.00 14.75 ? 12  DC  B "C1'" 1 
ATOM   230 N  N1    . DC  B 1 2  ? 1.895   7.582   -7.552  1.00 14.85 ? 12  DC  B N1    1 
ATOM   231 C  C2    . DC  B 1 2  ? 3.211   7.406   -7.099  1.00 5.44  ? 12  DC  B C2    1 
ATOM   232 O  O2    . DC  B 1 2  ? 4.049   6.922   -7.865  1.00 12.66 ? 12  DC  B O2    1 
ATOM   233 N  N3    . DC  B 1 2  ? 3.520   7.783   -5.855  1.00 6.05  ? 12  DC  B N3    1 
ATOM   234 C  C4    . DC  B 1 2  ? 2.589   8.354   -5.076  1.00 6.37  ? 12  DC  B C4    1 
ATOM   235 N  N4    . DC  B 1 2  ? 2.916   8.689   -3.834  1.00 9.58  ? 12  DC  B N4    1 
ATOM   236 C  C5    . DC  B 1 2  ? 1.278   8.605   -5.536  1.00 9.71  ? 12  DC  B C5    1 
ATOM   237 C  C6    . DC  B 1 2  ? 0.977   8.212   -6.766  1.00 8.48  ? 12  DC  B C6    1 
ATOM   238 P  P     . DA  B 1 3  ? -0.319  3.677   -10.759 1.00 24.99 ? 13  DA  B P     1 
ATOM   239 O  OP1   . DA  B 1 3  ? -0.808  3.179   -12.074 1.00 24.22 ? 13  DA  B OP1   1 
ATOM   240 O  OP2   . DA  B 1 3  ? -1.219  3.623   -9.565  1.00 16.64 ? 13  DA  B OP2   1 
ATOM   241 O  "O5'" . DA  B 1 3  ? 0.981   2.833   -10.419 1.00 14.41 ? 13  DA  B "O5'" 1 
ATOM   242 C  "C5'" . DA  B 1 3  ? 2.149   2.980   -11.211 1.00 17.74 ? 13  DA  B "C5'" 1 
ATOM   243 C  "C4'" . DA  B 1 3  ? 3.350   2.506   -10.435 1.00 9.50  ? 13  DA  B "C4'" 1 
ATOM   244 O  "O4'" . DA  B 1 3  ? 3.778   3.590   -9.552  1.00 10.23 ? 13  DA  B "O4'" 1 
ATOM   245 C  "C3'" . DA  B 1 3  ? 2.986   1.326   -9.521  1.00 6.55  ? 13  DA  B "C3'" 1 
ATOM   246 O  "O3'" . DA  B 1 3  ? 3.491   0.026   -9.860  1.00 9.28  ? 13  DA  B "O3'" 1 
ATOM   247 C  "C2'" . DA  B 1 3  ? 3.588   1.681   -8.187  1.00 12.57 ? 13  DA  B "C2'" 1 
ATOM   248 C  "C1'" . DA  B 1 3  ? 4.312   2.996   -8.366  1.00 7.41  ? 13  DA  B "C1'" 1 
ATOM   249 N  N9    . DA  B 1 3  ? 3.881   3.731   -7.186  1.00 2.10  ? 13  DA  B N9    1 
ATOM   250 C  C8    . DA  B 1 3  ? 2.666   4.235   -6.812  1.00 1.07  ? 13  DA  B C8    1 
ATOM   251 N  N7    . DA  B 1 3  ? 2.628   4.644   -5.564  1.00 3.95  ? 13  DA  B N7    1 
ATOM   252 C  C5    . DA  B 1 3  ? 3.922   4.448   -5.114  1.00 4.54  ? 13  DA  B C5    1 
ATOM   253 C  C6    . DA  B 1 3  ? 4.540   4.707   -3.897  1.00 1.00  ? 13  DA  B C6    1 
ATOM   254 N  N6    . DA  B 1 3  ? 3.905   5.187   -2.827  1.00 1.00  ? 13  DA  B N6    1 
ATOM   255 N  N1    . DA  B 1 3  ? 5.853   4.426   -3.804  1.00 1.00  ? 13  DA  B N1    1 
ATOM   256 C  C2    . DA  B 1 3  ? 6.469   3.881   -4.837  1.00 1.02  ? 13  DA  B C2    1 
ATOM   257 N  N3    . DA  B 1 3  ? 6.003   3.571   -6.022  1.00 4.26  ? 13  DA  B N3    1 
ATOM   258 C  C4    . DA  B 1 3  ? 4.706   3.901   -6.108  1.00 3.62  ? 13  DA  B C4    1 
ATOM   259 P  P     . DC  B 1 4  ? 3.086   -1.226  -8.919  1.00 8.41  ? 14  DC  B P     1 
ATOM   260 O  OP1   . DC  B 1 4  ? 3.231   -2.458  -9.708  1.00 14.55 ? 14  DC  B OP1   1 
ATOM   261 O  OP2   . DC  B 1 4  ? 1.788   -0.932  -8.269  1.00 8.65  ? 14  DC  B OP2   1 
ATOM   262 O  "O5'" . DC  B 1 4  ? 4.183   -1.243  -7.738  1.00 11.87 ? 14  DC  B "O5'" 1 
ATOM   263 C  "C5'" . DC  B 1 4  ? 5.567   -1.394  -8.045  1.00 8.15  ? 14  DC  B "C5'" 1 
ATOM   264 C  "C4'" . DC  B 1 4  ? 6.451   -1.145  -6.841  1.00 2.44  ? 14  DC  B "C4'" 1 
ATOM   265 O  "O4'" . DC  B 1 4  ? 6.201   0.166   -6.297  1.00 3.24  ? 14  DC  B "O4'" 1 
ATOM   266 C  "C3'" . DC  B 1 4  ? 6.235   -2.067  -5.644  1.00 1.00  ? 14  DC  B "C3'" 1 
ATOM   267 O  "O3'" . DC  B 1 4  ? 6.940   -3.295  -5.784  1.00 1.00  ? 14  DC  B "O3'" 1 
ATOM   268 C  "C2'" . DC  B 1 4  ? 6.787   -1.238  -4.494  1.00 1.00  ? 14  DC  B "C2'" 1 
ATOM   269 C  "C1'" . DC  B 1 4  ? 6.605   0.201   -4.929  1.00 2.32  ? 14  DC  B "C1'" 1 
ATOM   270 N  N1    . DC  B 1 4  ? 5.511   0.746   -4.082  1.00 1.00  ? 14  DC  B N1    1 
ATOM   271 C  C2    . DC  B 1 4  ? 5.850   1.182   -2.803  1.00 1.00  ? 14  DC  B C2    1 
ATOM   272 O  O2    . DC  B 1 4  ? 7.029   1.113   -2.448  1.00 1.43  ? 14  DC  B O2    1 
ATOM   273 N  N3    . DC  B 1 4  ? 4.889   1.655   -1.996  1.00 1.00  ? 14  DC  B N3    1 
ATOM   274 C  C4    . DC  B 1 4  ? 3.608   1.671   -2.408  1.00 1.17  ? 14  DC  B C4    1 
ATOM   275 N  N4    . DC  B 1 4  ? 2.691   2.097   -1.568  1.00 2.65  ? 14  DC  B N4    1 
ATOM   276 C  C5    . DC  B 1 4  ? 3.230   1.242   -3.695  1.00 1.00  ? 14  DC  B C5    1 
ATOM   277 C  C6    . DC  B 1 4  ? 4.209   0.796   -4.507  1.00 2.24  ? 14  DC  B C6    1 
ATOM   278 P  P     . DC  B 1 5  ? 6.532   -4.595  -4.883  1.00 1.00  ? 15  DC  B P     1 
ATOM   279 O  OP1   . DC  B 1 5  ? 7.154   -5.796  -5.569  1.00 1.67  ? 15  DC  B OP1   1 
ATOM   280 O  OP2   . DC  B 1 5  ? 5.072   -4.603  -4.605  1.00 2.12  ? 15  DC  B OP2   1 
ATOM   281 O  "O5'" . DC  B 1 5  ? 7.275   -4.321  -3.499  1.00 1.56  ? 15  DC  B "O5'" 1 
ATOM   282 C  "C5'" . DC  B 1 5  ? 8.692   -4.337  -3.412  1.00 1.63  ? 15  DC  B "C5'" 1 
ATOM   283 C  "C4'" . DC  B 1 5  ? 9.141   -4.448  -1.977  1.00 1.71  ? 15  DC  B "C4'" 1 
ATOM   284 O  "O4'" . DC  B 1 5  ? 8.935   -3.174  -1.353  1.00 1.00  ? 15  DC  B "O4'" 1 
ATOM   285 C  "C3'" . DC  B 1 5  ? 8.330   -5.427  -1.147  1.00 1.00  ? 15  DC  B "C3'" 1 
ATOM   286 O  "O3'" . DC  B 1 5  ? 8.936   -6.675  -1.104  1.00 1.00  ? 15  DC  B "O3'" 1 
ATOM   287 C  "C2'" . DC  B 1 5  ? 8.325   -4.811  0.239   1.00 1.00  ? 15  DC  B "C2'" 1 
ATOM   288 C  "C1'" . DC  B 1 5  ? 8.445   -3.312  -0.025  1.00 1.58  ? 15  DC  B "C1'" 1 
ATOM   289 N  N1    . DC  B 1 5  ? 7.095   -2.708  0.044   1.00 2.95  ? 15  DC  B N1    1 
ATOM   290 C  C2    . DC  B 1 5  ? 6.560   -2.433  1.314   1.00 1.00  ? 15  DC  B C2    1 
ATOM   291 O  O2    . DC  B 1 5  ? 7.253   -2.709  2.288   1.00 1.00  ? 15  DC  B O2    1 
ATOM   292 N  N3    . DC  B 1 5  ? 5.306   -1.855  1.410   1.00 1.00  ? 15  DC  B N3    1 
ATOM   293 C  C4    . DC  B 1 5  ? 4.634   -1.543  0.285   1.00 1.00  ? 15  DC  B C4    1 
ATOM   294 N  N4    . DC  B 1 5  ? 3.450   -0.851  0.383   1.00 1.00  ? 15  DC  B N4    1 
ATOM   295 C  C5    . DC  B 1 5  ? 5.146   -1.872  -1.005  1.00 1.00  ? 15  DC  B C5    1 
ATOM   296 C  C6    . DC  B 1 5  ? 6.355   -2.433  -1.083  1.00 1.73  ? 15  DC  B C6    1 
ATOM   297 P  P     . DG  B 1 6  ? 8.010   -7.970  -1.048  1.00 1.00  ? 16  DG  B P     1 
ATOM   298 O  OP1   . DG  B 1 6  ? 8.934   -9.120  -1.174  1.00 1.00  ? 16  DG  B OP1   1 
ATOM   299 O  OP2   . DG  B 1 6  ? 6.835   -7.893  -1.919  1.00 1.18  ? 16  DG  B OP2   1 
ATOM   300 O  "O5'" . DG  B 1 6  ? 7.549   -8.006  0.483   1.00 1.00  ? 16  DG  B "O5'" 1 
ATOM   301 C  "C5'" . DG  B 1 6  ? 6.179   -8.005  0.801   1.00 1.20  ? 16  DG  B "C5'" 1 
ATOM   302 C  "C4'" . DG  B 1 6  ? 6.023   -7.777  2.277   1.00 1.00  ? 16  DG  B "C4'" 1 
ATOM   303 O  "O4'" . DG  B 1 6  ? 6.149   -6.351  2.440   1.00 1.00  ? 16  DG  B "O4'" 1 
ATOM   304 C  "C3'" . DG  B 1 6  ? 4.650   -8.094  2.834   1.00 1.00  ? 16  DG  B "C3'" 1 
ATOM   305 O  "O3'" . DG  B 1 6  ? 4.551   -9.388  3.373   1.00 4.69  ? 16  DG  B "O3'" 1 
ATOM   306 C  "C2'" . DG  B 1 6  ? 4.479   -7.059  3.929   1.00 1.00  ? 16  DG  B "C2'" 1 
ATOM   307 C  "C1'" . DG  B 1 6  ? 5.303   -5.878  3.474   1.00 4.72  ? 16  DG  B "C1'" 1 
ATOM   308 N  N9    . DG  B 1 6  ? 4.338   -4.990  2.850   1.00 1.00  ? 16  DG  B N9    1 
ATOM   309 C  C8    . DG  B 1 6  ? 4.035   -4.853  1.510   1.00 1.20  ? 16  DG  B C8    1 
ATOM   310 N  N7    . DG  B 1 6  ? 3.008   -4.089  1.298   1.00 1.00  ? 16  DG  B N7    1 
ATOM   311 C  C5    . DG  B 1 6  ? 2.630   -3.662  2.563   1.00 2.28  ? 16  DG  B C5    1 
ATOM   312 C  C6    . DG  B 1 6  ? 1.564   -2.807  2.970   1.00 1.16  ? 16  DG  B C6    1 
ATOM   313 O  O6    . DG  B 1 6  ? 0.736   -2.249  2.265   1.00 1.00  ? 16  DG  B O6    1 
ATOM   314 N  N1    . DG  B 1 6  ? 1.534   -2.658  4.361   1.00 3.22  ? 16  DG  B N1    1 
ATOM   315 C  C2    . DG  B 1 6  ? 2.422   -3.260  5.242   1.00 1.00  ? 16  DG  B C2    1 
ATOM   316 N  N2    . DG  B 1 6  ? 2.246   -3.033  6.549   1.00 1.00  ? 16  DG  B N2    1 
ATOM   317 N  N3    . DG  B 1 6  ? 3.425   -4.046  4.855   1.00 1.00  ? 16  DG  B N3    1 
ATOM   318 C  C4    . DG  B 1 6  ? 3.459   -4.199  3.526   1.00 4.26  ? 16  DG  B C4    1 
ATOM   319 P  P     . DG  B 1 7  ? 3.159   -10.193 3.209   1.00 2.73  ? 17  DG  B P     1 
ATOM   320 O  OP1   . DG  B 1 7  ? 3.409   -11.611 3.573   1.00 5.44  ? 17  DG  B OP1   1 
ATOM   321 O  OP2   . DG  B 1 7  ? 2.504   -9.862  1.897   1.00 5.82  ? 17  DG  B OP2   1 
ATOM   322 O  "O5'" . DG  B 1 7  ? 2.266   -9.565  4.351   1.00 1.04  ? 17  DG  B "O5'" 1 
ATOM   323 C  "C5'" . DG  B 1 7  ? 2.799   -9.531  5.661   1.00 4.82  ? 17  DG  B "C5'" 1 
ATOM   324 C  "C4'" . DG  B 1 7  ? 1.911   -8.753  6.593   1.00 4.06  ? 17  DG  B "C4'" 1 
ATOM   325 O  "O4'" . DG  B 1 7  ? 2.027   -7.353  6.245   1.00 1.94  ? 17  DG  B "O4'" 1 
ATOM   326 C  "C3'" . DG  B 1 7  ? 0.432   -9.096  6.447   1.00 1.00  ? 17  DG  B "C3'" 1 
ATOM   327 O  "O3'" . DG  B 1 7  ? -0.009  -9.995  7.421   1.00 2.73  ? 17  DG  B "O3'" 1 
ATOM   328 C  "C2'" . DG  B 1 7  ? -0.286  -7.777  6.626   1.00 4.92  ? 17  DG  B "C2'" 1 
ATOM   329 C  "C1'" . DG  B 1 7  ? 0.770   -6.706  6.406   1.00 1.00  ? 17  DG  B "C1'" 1 
ATOM   330 N  N9    . DG  B 1 7  ? 0.357   -6.087  5.153   1.00 2.53  ? 17  DG  B N9    1 
ATOM   331 C  C8    . DG  B 1 7  ? 0.762   -6.330  3.867   1.00 3.31  ? 17  DG  B C8    1 
ATOM   332 N  N7    . DG  B 1 7  ? 0.072   -5.662  2.979   1.00 3.50  ? 17  DG  B N7    1 
ATOM   333 C  C5    . DG  B 1 7  ? -0.815  -4.895  3.742   1.00 1.73  ? 17  DG  B C5    1 
ATOM   334 C  C6    . DG  B 1 7  ? -1.834  -3.963  3.367   1.00 1.00  ? 17  DG  B C6    1 
ATOM   335 O  O6    . DG  B 1 7  ? -2.170  -3.574  2.246   1.00 1.00  ? 17  DG  B O6    1 
ATOM   336 N  N1    . DG  B 1 7  ? -2.477  -3.451  4.487   1.00 1.00  ? 17  DG  B N1    1 
ATOM   337 C  C2    . DG  B 1 7  ? -2.184  -3.760  5.804   1.00 1.00  ? 17  DG  B C2    1 
ATOM   338 N  N2    . DG  B 1 7  ? -2.893  -3.127  6.760   1.00 1.66  ? 17  DG  B N2    1 
ATOM   339 N  N3    . DG  B 1 7  ? -1.260  -4.606  6.159   1.00 1.00  ? 17  DG  B N3    1 
ATOM   340 C  C4    . DG  B 1 7  ? -0.627  -5.140  5.083   1.00 2.79  ? 17  DG  B C4    1 
ATOM   341 P  P     . DT  B 1 8  ? -1.428  -10.706 7.232   1.00 1.00  ? 18  DT  B P     1 
ATOM   342 O  OP1   . DT  B 1 8  ? -1.460  -11.850 8.149   1.00 2.40  ? 18  DT  B OP1   1 
ATOM   343 O  OP2   . DT  B 1 8  ? -1.747  -10.907 5.768   1.00 2.76  ? 18  DT  B OP2   1 
ATOM   344 O  "O5'" . DT  B 1 8  ? -2.449  -9.555  7.676   1.00 1.00  ? 18  DT  B "O5'" 1 
ATOM   345 C  "C5'" . DT  B 1 8  ? -2.568  -9.256  9.057   1.00 1.00  ? 18  DT  B "C5'" 1 
ATOM   346 C  "C4'" . DT  B 1 8  ? -3.699  -8.288  9.296   1.00 3.95  ? 18  DT  B "C4'" 1 
ATOM   347 O  "O4'" . DT  B 1 8  ? -3.363  -7.048  8.633   1.00 1.00  ? 18  DT  B "O4'" 1 
ATOM   348 C  "C3'" . DT  B 1 8  ? -5.060  -8.634  8.707   1.00 1.00  ? 18  DT  B "C3'" 1 
ATOM   349 O  "O3'" . DT  B 1 8  ? -5.864  -9.428  9.517   1.00 3.46  ? 18  DT  B "O3'" 1 
ATOM   350 C  "C2'" . DT  B 1 8  ? -5.720  -7.276  8.555   1.00 1.00  ? 18  DT  B "C2'" 1 
ATOM   351 C  "C1'" . DT  B 1 8  ? -4.542  -6.378  8.193   1.00 1.00  ? 18  DT  B "C1'" 1 
ATOM   352 N  N1    . DT  B 1 8  ? -4.502  -6.288  6.719   1.00 3.26  ? 18  DT  B N1    1 
ATOM   353 C  C2    . DT  B 1 8  ? -5.303  -5.330  6.193   1.00 1.41  ? 18  DT  B C2    1 
ATOM   354 O  O2    . DT  B 1 8  ? -5.994  -4.591  6.882   1.00 1.00  ? 18  DT  B O2    1 
ATOM   355 N  N3    . DT  B 1 8  ? -5.298  -5.268  4.822   1.00 1.00  ? 18  DT  B N3    1 
ATOM   356 C  C4    . DT  B 1 8  ? -4.587  -6.078  3.950   1.00 4.03  ? 18  DT  B C4    1 
ATOM   357 O  O4    . DT  B 1 8  ? -4.720  -5.943  2.732   1.00 1.00  ? 18  DT  B O4    1 
ATOM   358 C  C5    . DT  B 1 8  ? -3.746  -7.053  4.564   1.00 4.97  ? 18  DT  B C5    1 
ATOM   359 C  C7    . DT  B 1 8  ? -2.921  -7.936  3.676   1.00 1.00  ? 18  DT  B C7    1 
ATOM   360 C  C6    . DT  B 1 8  ? -3.740  -7.121  5.919   1.00 1.00  ? 18  DT  B C6    1 
ATOM   361 P  P     . DG  B 1 9  ? -6.837  -10.490 8.808   1.00 1.00  ? 19  DG  B P     1 
ATOM   362 O  OP1   . DG  B 1 9  ? -7.255  -11.374 9.907   1.00 3.10  ? 19  DG  B OP1   1 
ATOM   363 O  OP2   . DG  B 1 9  ? -6.176  -11.038 7.592   1.00 1.09  ? 19  DG  B OP2   1 
ATOM   364 O  "O5'" . DG  B 1 9  ? -8.077  -9.595  8.327   1.00 1.33  ? 19  DG  B "O5'" 1 
ATOM   365 C  "C5'" . DG  B 1 9  ? -8.958  -9.124  9.297   1.00 1.47  ? 19  DG  B "C5'" 1 
ATOM   366 C  "C4'" . DG  B 1 9  ? -9.761  -7.961  8.780   1.00 1.00  ? 19  DG  B "C4'" 1 
ATOM   367 O  "O4'" . DG  B 1 9  ? -8.877  -6.938  8.251   1.00 1.00  ? 19  DG  B "O4'" 1 
ATOM   368 C  "C3'" . DG  B 1 9  ? -10.668 -8.289  7.618   1.00 1.00  ? 19  DG  B "C3'" 1 
ATOM   369 O  "O3'" . DG  B 1 9  ? -11.931 -8.718  8.047   1.00 1.00  ? 19  DG  B "O3'" 1 
ATOM   370 C  "C2'" . DG  B 1 9  ? -10.833 -6.939  6.931   1.00 1.38  ? 19  DG  B "C2'" 1 
ATOM   371 C  "C1'" . DG  B 1 9  ? -9.485  -6.274  7.133   1.00 1.89  ? 19  DG  B "C1'" 1 
ATOM   372 N  N9    . DG  B 1 9  ? -8.770  -6.610  5.900   1.00 1.00  ? 19  DG  B N9    1 
ATOM   373 C  C8    . DG  B 1 9  ? -7.831  -7.590  5.678   1.00 1.00  ? 19  DG  B C8    1 
ATOM   374 N  N7    . DG  B 1 9  ? -7.521  -7.713  4.406   1.00 1.33  ? 19  DG  B N7    1 
ATOM   375 C  C5    . DG  B 1 9  ? -8.267  -6.727  3.778   1.00 1.77  ? 19  DG  B C5    1 
ATOM   376 C  C6    . DG  B 1 9  ? -8.372  -6.355  2.393   1.00 1.00  ? 19  DG  B C6    1 
ATOM   377 O  O6    . DG  B 1 9  ? -7.812  -6.851  1.408   1.00 1.00  ? 19  DG  B O6    1 
ATOM   378 N  N1    . DG  B 1 9  ? -9.263  -5.288  2.212   1.00 1.00  ? 19  DG  B N1    1 
ATOM   379 C  C2    . DG  B 1 9  ? -9.970  -4.682  3.193   1.00 1.00  ? 19  DG  B C2    1 
ATOM   380 N  N2    . DG  B 1 9  ? -10.788 -3.694  2.811   1.00 1.00  ? 19  DG  B N2    1 
ATOM   381 N  N3    . DG  B 1 9  ? -9.894  -5.016  4.477   1.00 1.00  ? 19  DG  B N3    1 
ATOM   382 C  C4    . DG  B 1 9  ? -9.022  -6.032  4.693   1.00 1.00  ? 19  DG  B C4    1 
ATOM   383 P  P     . DG  B 1 10 ? -12.844 -9.523  7.019   1.00 1.00  ? 20  DG  B P     1 
ATOM   384 O  OP1   . DG  B 1 10 ? -13.965 -10.170 7.740   1.00 1.00  ? 20  DG  B OP1   1 
ATOM   385 O  OP2   . DG  B 1 10 ? -12.030 -10.315 6.105   1.00 1.00  ? 20  DG  B OP2   1 
ATOM   386 O  "O5'" . DG  B 1 10 ? -13.411 -8.331  6.119   1.00 1.00  ? 20  DG  B "O5'" 1 
ATOM   387 C  "C5'" . DG  B 1 10 ? -14.269 -7.339  6.657   1.00 2.47  ? 20  DG  B "C5'" 1 
ATOM   388 C  "C4'" . DG  B 1 10 ? -14.790 -6.441  5.557   1.00 1.00  ? 20  DG  B "C4'" 1 
ATOM   389 O  "O4'" . DG  B 1 10 ? -13.676 -5.784  4.884   1.00 1.00  ? 20  DG  B "O4'" 1 
ATOM   390 C  "C3'" . DG  B 1 10 ? -15.564 -7.128  4.442   1.00 1.59  ? 20  DG  B "C3'" 1 
ATOM   391 O  "O3'" . DG  B 1 10 ? -16.906 -7.433  4.708   1.00 1.18  ? 20  DG  B "O3'" 1 
ATOM   392 C  "C2'" . DG  B 1 10 ? -15.264 -6.311  3.203   1.00 2.34  ? 20  DG  B "C2'" 1 
ATOM   393 C  "C1'" . DG  B 1 10 ? -13.893 -5.725  3.488   1.00 1.00  ? 20  DG  B "C1'" 1 
ATOM   394 N  N9    . DG  B 1 10 ? -12.870 -6.536  2.830   1.00 1.00  ? 20  DG  B N9    1 
ATOM   395 C  C8    . DG  B 1 10 ? -12.011 -7.431  3.425   1.00 1.97  ? 20  DG  B C8    1 
ATOM   396 N  N7    . DG  B 1 10 ? -11.192 -7.989  2.586   1.00 1.00  ? 20  DG  B N7    1 
ATOM   397 C  C5    . DG  B 1 10 ? -11.557 -7.462  1.350   1.00 1.00  ? 20  DG  B C5    1 
ATOM   398 C  C6    . DG  B 1 10 ? -11.030 -7.700  0.033   1.00 1.00  ? 20  DG  B C6    1 
ATOM   399 O  O6    . DG  B 1 10 ? -10.189 -8.518  -0.323  1.00 1.00  ? 20  DG  B O6    1 
ATOM   400 N  N1    . DG  B 1 10 ? -11.628 -6.878  -0.912  1.00 1.00  ? 20  DG  B N1    1 
ATOM   401 C  C2    . DG  B 1 10 ? -12.653 -6.000  -0.649  1.00 2.22  ? 20  DG  B C2    1 
ATOM   402 N  N2    . DG  B 1 10 ? -13.105 -5.301  -1.686  1.00 1.00  ? 20  DG  B N2    1 
ATOM   403 N  N3    . DG  B 1 10 ? -13.195 -5.822  0.546   1.00 1.00  ? 20  DG  B N3    1 
ATOM   404 C  C4    . DG  B 1 10 ? -12.587 -6.554  1.496   1.00 1.00  ? 20  DG  B C4    1 
HETATM 405 CA CA    . CA  C 2 .  ? -8.320  -11.319 3.111   1.00 1.00  ? 21  CA  B CA    1 
HETATM 406 O  O     . HOH D 3 .  ? 9.150   11.299  -2.042  1.00 6.33  ? 22  HOH A O     1 
HETATM 407 O  O     . HOH D 3 .  ? -8.493  -4.521  -12.860 1.00 13.04 ? 23  HOH A O     1 
HETATM 408 O  O     . HOH D 3 .  ? 13.967  4.907   -9.247  1.00 4.78  ? 25  HOH A O     1 
HETATM 409 O  O     . HOH D 3 .  ? -0.654  4.772   2.334   1.00 20.36 ? 26  HOH A O     1 
HETATM 410 O  O     . HOH D 3 .  ? -4.592  -7.538  -5.054  1.00 19.26 ? 31  HOH A O     1 
HETATM 411 O  O     . HOH D 3 .  ? -8.955  2.569   11.040  1.00 13.20 ? 32  HOH A O     1 
HETATM 412 O  O     . HOH D 3 .  ? 7.810   8.717   12.570  1.00 16.48 ? 35  HOH A O     1 
HETATM 413 O  O     . HOH D 3 .  ? -10.516 2.295   13.575  1.00 1.46  ? 39  HOH A O     1 
HETATM 414 O  O     . HOH D 3 .  ? -6.952  4.812   11.823  1.00 3.59  ? 40  HOH A O     1 
HETATM 415 O  O     . HOH D 3 .  ? 11.089  10.323  5.002   1.00 16.98 ? 41  HOH A O     1 
HETATM 416 O  O     . HOH D 3 .  ? 8.341   4.623   -5.630  1.00 17.95 ? 43  HOH A O     1 
HETATM 417 O  O     . HOH D 3 .  ? -10.949 -0.269  -10.443 1.00 10.89 ? 45  HOH A O     1 
HETATM 418 O  O     . HOH D 3 .  ? 10.887  9.227   -11.735 1.00 1.00  ? 53  HOH A O     1 
HETATM 419 O  O     . HOH D 3 .  ? 11.238  11.391  -2.245  1.00 19.09 ? 57  HOH A O     1 
HETATM 420 O  O     . HOH D 3 .  ? 13.346  5.367   7.386   1.00 15.18 ? 58  HOH A O     1 
HETATM 421 O  O     . HOH D 3 .  ? 2.465   5.341   4.247   1.00 11.42 ? 59  HOH A O     1 
HETATM 422 O  O     . HOH D 3 .  ? -1.384  -2.657  -1.865  1.00 17.54 ? 60  HOH A O     1 
HETATM 423 O  O     . HOH D 3 .  ? -12.538 3.449   14.797  1.00 2.23  ? 62  HOH A O     1 
HETATM 424 O  O     . HOH D 3 .  ? 15.348  8.913   2.906   1.00 7.04  ? 63  HOH A O     1 
HETATM 425 O  O     . HOH D 3 .  ? 16.873  7.211   -6.329  1.00 3.58  ? 65  HOH A O     1 
HETATM 426 O  O     . HOH D 3 .  ? 9.922   4.876   -7.333  1.00 4.11  ? 67  HOH A O     1 
HETATM 427 O  O     . HOH D 3 .  ? -6.103  -1.468  -1.859  1.00 5.22  ? 68  HOH A O     1 
HETATM 428 O  O     . HOH D 3 .  ? -6.342  -5.517  -12.224 1.00 16.93 ? 70  HOH A O     1 
HETATM 429 O  O     . HOH D 3 .  ? -3.150  7.010   10.891  1.00 7.95  ? 71  HOH A O     1 
HETATM 430 O  O     . HOH D 3 .  ? -4.009  -0.184  -0.949  1.00 6.75  ? 72  HOH A O     1 
HETATM 431 O  O     . HOH D 3 .  ? -2.132  2.479   2.298   1.00 15.06 ? 73  HOH A O     1 
HETATM 432 O  O     . HOH D 3 .  ? 13.707  11.668  -2.098  1.00 1.66  ? 76  HOH A O     1 
HETATM 433 O  O     . HOH D 3 .  ? -8.141  0.274   10.260  1.00 11.16 ? 77  HOH A O     1 
HETATM 434 O  O     . HOH D 3 .  ? -4.017  4.080   2.487   1.00 12.70 ? 78  HOH A O     1 
HETATM 435 O  O     . HOH D 3 .  ? -9.924  4.150   8.928   1.00 7.48  ? 79  HOH A O     1 
HETATM 436 O  O     . HOH D 3 .  ? 8.178   14.137  -1.719  1.00 8.77  ? 81  HOH A O     1 
HETATM 437 O  O     . HOH D 3 .  ? -0.289  6.914   4.351   1.00 8.61  ? 82  HOH A O     1 
HETATM 438 O  O     . HOH D 3 .  ? -6.107  -9.933  -3.282  1.00 10.13 ? 85  HOH A O     1 
HETATM 439 O  O     . HOH D 3 .  ? 2.973   5.767   1.269   1.00 18.56 ? 86  HOH A O     1 
HETATM 440 O  O     . HOH D 3 .  ? -5.883  -5.997  -3.185  1.00 15.20 ? 87  HOH A O     1 
HETATM 441 O  O     . HOH D 3 .  ? 11.715  5.761   -9.624  1.00 12.39 ? 88  HOH A O     1 
HETATM 442 O  O     . HOH D 3 .  ? -8.012  -0.901  -13.920 1.00 17.56 ? 91  HOH A O     1 
HETATM 443 O  O     . HOH D 3 .  ? 10.689  5.650   15.061  1.00 19.76 ? 92  HOH A O     1 
HETATM 444 O  O     . HOH D 3 .  ? 7.877   7.827   15.057  1.00 19.01 ? 96  HOH A O     1 
HETATM 445 O  O     . HOH D 3 .  ? -5.930  1.539   -2.937  1.00 25.11 ? 97  HOH A O     1 
HETATM 446 O  O     . HOH D 3 .  ? -4.812  1.418   -16.249 1.00 22.28 ? 98  HOH A O     1 
HETATM 447 O  O     . HOH D 3 .  ? -5.746  -0.512  -13.690 1.00 21.41 ? 99  HOH A O     1 
HETATM 448 O  O     . HOH D 3 .  ? -10.988 1.443   -8.989  1.00 12.94 ? 103 HOH A O     1 
HETATM 449 O  O     . HOH D 3 .  ? -7.829  2.665   -14.895 1.00 16.30 ? 104 HOH A O     1 
HETATM 450 O  O     . HOH D 3 .  ? 10.057  8.090   13.977  1.00 17.98 ? 105 HOH A O     1 
HETATM 451 O  O     . HOH D 3 .  ? 1.257   2.112   1.997   1.00 13.60 ? 107 HOH A O     1 
HETATM 452 O  O     . HOH D 3 .  ? 13.155  5.205   13.109  1.00 17.78 ? 109 HOH A O     1 
HETATM 453 O  O     . HOH D 3 .  ? -3.139  -7.589  -8.633  1.00 20.81 ? 111 HOH A O     1 
HETATM 454 O  O     . HOH D 3 .  ? -10.067 6.303   1.717   1.00 12.76 ? 113 HOH A O     1 
HETATM 455 O  O     . HOH D 3 .  ? 0.702   3.153   4.175   1.00 13.71 ? 115 HOH A O     1 
HETATM 456 O  O     . HOH D 3 .  ? -7.873  2.941   -12.096 1.00 18.20 ? 116 HOH A O     1 
HETATM 457 O  O     . HOH D 3 .  ? -12.676 -1.363  -8.679  1.00 17.48 ? 118 HOH A O     1 
HETATM 458 O  O     . HOH D 3 .  ? -3.735  3.382   -3.714  1.00 17.49 ? 119 HOH A O     1 
HETATM 459 O  O     . HOH D 3 .  ? 6.707   10.984  -4.503  1.00 3.38  ? 120 HOH A O     1 
HETATM 460 O  O     . HOH D 3 .  ? -13.245 1.839   -7.966  1.00 8.73  ? 121 HOH A O     1 
HETATM 461 O  O     . HOH D 3 .  ? -3.543  -7.809  -2.640  1.00 16.07 ? 122 HOH A O     1 
HETATM 462 O  O     . HOH D 3 .  ? -7.121  5.127   -14.528 1.00 19.57 ? 123 HOH A O     1 
HETATM 463 O  O     . HOH D 3 .  ? 13.719  5.027   10.418  1.00 13.22 ? 124 HOH A O     1 
HETATM 464 O  O     . HOH D 3 .  ? 3.177   -2.817  10.595  1.00 21.10 ? 125 HOH A O     1 
HETATM 465 O  O     . HOH D 3 .  ? 4.457   8.228   0.757   1.00 18.22 ? 126 HOH A O     1 
HETATM 466 O  O     . HOH D 3 .  ? -2.105  6.887   0.248   1.00 16.22 ? 127 HOH A O     1 
HETATM 467 O  O     . HOH D 3 .  ? -1.932  3.491   0.345   1.00 22.14 ? 129 HOH A O     1 
HETATM 468 O  O     . HOH D 3 .  ? -4.402  -3.540  -9.172  1.00 11.91 ? 131 HOH A O     1 
HETATM 469 O  O     . HOH D 3 .  ? 11.575  7.599   16.195  1.00 16.33 ? 132 HOH A O     1 
HETATM 470 O  O     . HOH D 3 .  ? -10.618 2.712   -11.185 1.00 15.57 ? 135 HOH A O     1 
HETATM 471 O  O     . HOH D 3 .  ? 14.438  9.171   -1.513  1.00 16.66 ? 137 HOH A O     1 
HETATM 472 O  O     . HOH D 3 .  ? 9.714   8.909   17.580  1.00 20.37 ? 138 HOH A O     1 
HETATM 473 O  O     . HOH D 3 .  ? 6.194   10.612  -1.102  1.00 13.98 ? 139 HOH A O     1 
HETATM 474 O  O     . HOH D 3 .  ? -7.905  -4.687  -15.533 1.00 17.62 ? 141 HOH A O     1 
HETATM 475 O  O     . HOH D 3 .  ? -13.147 5.832   -0.237  1.00 19.85 ? 144 HOH A O     1 
HETATM 476 O  O     . HOH D 3 .  ? 5.113   -2.799  8.246   1.00 8.46  ? 145 HOH A O     1 
HETATM 477 O  O     . HOH D 3 .  ? -4.482  -3.457  -1.447  1.00 22.69 ? 146 HOH A O     1 
HETATM 478 O  O     . HOH D 3 .  ? -4.390  -1.167  -15.329 1.00 16.63 ? 148 HOH A O     1 
HETATM 479 O  O     . HOH D 3 .  ? 6.479   7.011   6.815   1.00 16.07 ? 149 HOH A O     1 
HETATM 480 O  O     . HOH D 3 .  ? -8.497  -1.309  -11.512 1.00 14.43 ? 150 HOH A O     1 
HETATM 481 O  O     . HOH D 3 .  ? -0.320  4.859   5.329   1.00 13.63 ? 152 HOH A O     1 
HETATM 482 O  O     . HOH D 3 .  ? -5.738  -3.706  -7.252  1.00 16.22 ? 154 HOH A O     1 
HETATM 483 O  O     . HOH D 3 .  ? 15.548  6.602   7.458   1.00 16.90 ? 155 HOH A O     1 
HETATM 484 O  O     . HOH D 3 .  ? 4.596   8.883   -11.711 1.00 15.86 ? 159 HOH A O     1 
HETATM 485 O  O     . HOH D 3 .  ? 0.252   -3.895  9.139   1.00 15.79 ? 160 HOH A O     1 
HETATM 486 O  O     . HOH D 3 .  ? 14.380  7.641   12.428  1.00 15.34 ? 161 HOH A O     1 
HETATM 487 O  O     . HOH D 3 .  ? 11.889  10.275  2.127   1.00 15.42 ? 162 HOH A O     1 
HETATM 488 O  O     . HOH E 3 .  ? -16.362 -9.549  8.593   1.00 1.00  ? 24  HOH B O     1 
HETATM 489 O  O     . HOH E 3 .  ? 4.804   -6.048  -1.949  1.00 6.16  ? 27  HOH B O     1 
HETATM 490 O  O     . HOH E 3 .  ? -9.589  -12.247 1.067   1.00 1.00  ? 28  HOH B O     1 
HETATM 491 O  O     . HOH E 3 .  ? 4.954   -14.719 3.973   1.00 17.67 ? 29  HOH B O     1 
HETATM 492 O  O     . HOH E 3 .  ? -6.322  -10.117 3.445   1.00 1.00  ? 30  HOH B O     1 
HETATM 493 O  O     . HOH E 3 .  ? -9.451  -13.434 3.872   1.00 2.83  ? 33  HOH B O     1 
HETATM 494 O  O     . HOH E 3 .  ? 5.150   -5.129  6.823   1.00 2.53  ? 34  HOH B O     1 
HETATM 495 O  O     . HOH E 3 .  ? -10.384 -12.339 6.323   1.00 1.25  ? 36  HOH B O     1 
HETATM 496 O  O     . HOH E 3 .  ? -13.687 -11.783 9.834   1.00 4.51  ? 37  HOH B O     1 
HETATM 497 O  O     . HOH E 3 .  ? 6.813   -5.627  -10.190 1.00 18.91 ? 38  HOH B O     1 
HETATM 498 O  O     . HOH E 3 .  ? -10.449 -14.183 8.370   1.00 3.75  ? 42  HOH B O     1 
HETATM 499 O  O     . HOH E 3 .  ? 0.018   -4.997  -6.773  1.00 15.20 ? 44  HOH B O     1 
HETATM 500 O  O     . HOH E 3 .  ? -10.279 -10.237 3.997   1.00 1.00  ? 46  HOH B O     1 
HETATM 501 O  O     . HOH E 3 .  ? -3.735  -11.700 7.536   1.00 25.19 ? 47  HOH B O     1 
HETATM 502 O  O     . HOH E 3 .  ? -8.359  -9.405  1.445   1.00 1.00  ? 48  HOH B O     1 
HETATM 503 O  O     . HOH E 3 .  ? -4.627  -11.024 5.395   1.00 13.77 ? 49  HOH B O     1 
HETATM 504 O  O     . HOH E 3 .  ? -8.060  -11.660 5.548   1.00 1.00  ? 50  HOH B O     1 
HETATM 505 O  O     . HOH E 3 .  ? -4.809  -7.549  0.718   1.00 11.91 ? 52  HOH B O     1 
HETATM 506 O  O     . HOH E 3 .  ? 2.915   -9.278  -1.064  1.00 6.62  ? 54  HOH B O     1 
HETATM 507 O  O     . HOH E 3 .  ? 0.014   2.162   -2.476  1.00 10.82 ? 55  HOH B O     1 
HETATM 508 O  O     . HOH E 3 .  ? -0.985  -7.001  -2.027  1.00 16.31 ? 56  HOH B O     1 
HETATM 509 O  O     . HOH E 3 .  ? -6.678  -12.908 2.411   1.00 1.00  ? 61  HOH B O     1 
HETATM 510 O  O     . HOH E 3 .  ? 7.537   -8.333  -4.414  1.00 10.84 ? 64  HOH B O     1 
HETATM 511 O  O     . HOH E 3 .  ? 0.040   -6.236  0.543   1.00 9.47  ? 66  HOH B O     1 
HETATM 512 O  O     . HOH E 3 .  ? 1.680   -1.015  -1.710  1.00 9.68  ? 69  HOH B O     1 
HETATM 513 O  O     . HOH E 3 .  ? 1.819   -3.630  -1.229  1.00 5.02  ? 74  HOH B O     1 
HETATM 514 O  O     . HOH E 3 .  ? 0.302   -5.374  -1.548  1.00 2.77  ? 75  HOH B O     1 
HETATM 515 O  O     . HOH E 3 .  ? -2.486  -11.531 1.256   1.00 11.11 ? 80  HOH B O     1 
HETATM 516 O  O     . HOH E 3 .  ? 2.696   -5.290  -6.849  1.00 17.04 ? 83  HOH B O     1 
HETATM 517 O  O     . HOH E 3 .  ? 2.635   -7.532  9.869   1.00 11.09 ? 84  HOH B O     1 
HETATM 518 O  O     . HOH E 3 .  ? 4.318   -1.797  -13.376 1.00 12.42 ? 89  HOH B O     1 
HETATM 519 O  O     . HOH E 3 .  ? 2.655   -13.791 0.949   1.00 19.06 ? 90  HOH B O     1 
HETATM 520 O  O     . HOH E 3 .  ? -7.501  -15.567 2.318   1.00 9.94  ? 93  HOH B O     1 
HETATM 521 O  O     . HOH E 3 .  ? 2.608   -9.793  10.273  1.00 7.30  ? 94  HOH B O     1 
HETATM 522 O  O     . HOH E 3 .  ? 10.961  -8.545  -3.148  1.00 17.98 ? 95  HOH B O     1 
HETATM 523 O  O     . HOH E 3 .  ? 0.119   4.619   -5.056  1.00 13.89 ? 100 HOH B O     1 
HETATM 524 O  O     . HOH E 3 .  ? 2.403   10.475  -11.112 1.00 7.62  ? 101 HOH B O     1 
HETATM 525 O  O     . HOH E 3 .  ? -5.012  -10.080 1.018   1.00 8.67  ? 102 HOH B O     1 
HETATM 526 O  O     . HOH E 3 .  ? 2.977   -6.767  -5.063  1.00 17.80 ? 106 HOH B O     1 
HETATM 527 O  O     . HOH E 3 .  ? 2.097   -12.789 7.466   1.00 15.67 ? 108 HOH B O     1 
HETATM 528 O  O     . HOH E 3 .  ? -3.035  9.039   -5.523  1.00 15.26 ? 110 HOH B O     1 
HETATM 529 O  O     . HOH E 3 .  ? 0.606   -11.358 -2.719  1.00 14.19 ? 112 HOH B O     1 
HETATM 530 O  O     . HOH E 3 .  ? -0.601  -9.623  1.323   1.00 17.47 ? 114 HOH B O     1 
HETATM 531 O  O     . HOH E 3 .  ? 5.571   -9.868  -5.878  1.00 11.25 ? 117 HOH B O     1 
HETATM 532 O  O     . HOH E 3 .  ? 6.688   -0.760  -12.058 1.00 9.80  ? 128 HOH B O     1 
HETATM 533 O  O     . HOH E 3 .  ? 1.018   -6.918  -7.824  1.00 18.28 ? 130 HOH B O     1 
HETATM 534 O  O     . HOH E 3 .  ? -0.291  0.025   -3.491  1.00 14.40 ? 133 HOH B O     1 
HETATM 535 O  O     . HOH E 3 .  ? 3.456   -8.474  -8.202  1.00 19.06 ? 134 HOH B O     1 
HETATM 536 O  O     . HOH E 3 .  ? -5.255  12.064  -4.673  1.00 20.61 ? 136 HOH B O     1 
HETATM 537 O  O     . HOH E 3 .  ? -2.302  -6.185  0.811   1.00 19.00 ? 140 HOH B O     1 
HETATM 538 O  O     . HOH E 3 .  ? -2.656  10.836  -3.887  1.00 17.21 ? 142 HOH B O     1 
HETATM 539 O  O     . HOH E 3 .  ? -0.761  -7.336  -4.359  1.00 17.12 ? 143 HOH B O     1 
HETATM 540 O  O     . HOH E 3 .  ? 1.008   -10.512 -7.518  1.00 18.11 ? 147 HOH B O     1 
HETATM 541 O  O     . HOH E 3 .  ? -1.153  3.237   -7.233  1.00 18.08 ? 151 HOH B O     1 
HETATM 542 O  O     . HOH E 3 .  ? 4.809   -3.614  -10.989 1.00 16.06 ? 153 HOH B O     1 
HETATM 543 O  O     . HOH E 3 .  ? -0.363  -2.271  -12.530 1.00 17.25 ? 156 HOH B O     1 
HETATM 544 O  O     . HOH E 3 .  ? -0.408  -0.754  -9.873  1.00 16.43 ? 157 HOH B O     1 
HETATM 545 O  O     . HOH E 3 .  ? 1.264   -2.381  -5.430  1.00 15.03 ? 158 HOH B O     1 
# 
